data_2Y3K
# 
_entry.id   2Y3K 
# 
_audit_conform.dict_name       mmcif_pdbx.dic 
_audit_conform.dict_version    5.391 
_audit_conform.dict_location   http://mmcif.pdb.org/dictionaries/ascii/mmcif_pdbx.dic 
# 
loop_
_database_2.database_id 
_database_2.database_code 
_database_2.pdbx_database_accession 
_database_2.pdbx_DOI 
PDB   2Y3K         pdb_00002y3k 10.2210/pdb2y3k/pdb 
PDBE  EBI-46808    ?            ?                   
WWPDB D_1290046808 ?            ?                   
# 
loop_
_pdbx_audit_revision_history.ordinal 
_pdbx_audit_revision_history.data_content_type 
_pdbx_audit_revision_history.major_revision 
_pdbx_audit_revision_history.minor_revision 
_pdbx_audit_revision_history.revision_date 
1 'Structure model' 1 0 2011-11-02 
2 'Structure model' 1 1 2024-05-08 
# 
_pdbx_audit_revision_details.ordinal             1 
_pdbx_audit_revision_details.revision_ordinal    1 
_pdbx_audit_revision_details.data_content_type   'Structure model' 
_pdbx_audit_revision_details.provider            repository 
_pdbx_audit_revision_details.type                'Initial release' 
_pdbx_audit_revision_details.description         ? 
_pdbx_audit_revision_details.details             ? 
# 
loop_
_pdbx_audit_revision_group.ordinal 
_pdbx_audit_revision_group.revision_ordinal 
_pdbx_audit_revision_group.data_content_type 
_pdbx_audit_revision_group.group 
1 2 'Structure model' 'Data collection'     
2 2 'Structure model' 'Database references' 
3 2 'Structure model' Other                 
# 
loop_
_pdbx_audit_revision_category.ordinal 
_pdbx_audit_revision_category.revision_ordinal 
_pdbx_audit_revision_category.data_content_type 
_pdbx_audit_revision_category.category 
1 2 'Structure model' chem_comp_atom       
2 2 'Structure model' chem_comp_bond       
3 2 'Structure model' database_2           
4 2 'Structure model' pdbx_database_status 
# 
loop_
_pdbx_audit_revision_item.ordinal 
_pdbx_audit_revision_item.revision_ordinal 
_pdbx_audit_revision_item.data_content_type 
_pdbx_audit_revision_item.item 
1 2 'Structure model' '_database_2.pdbx_DOI'                 
2 2 'Structure model' '_database_2.pdbx_database_accession'  
3 2 'Structure model' '_pdbx_database_status.status_code_sf' 
# 
_pdbx_database_status.status_code                     REL 
_pdbx_database_status.entry_id                        2Y3K 
_pdbx_database_status.deposit_site                    PDBE 
_pdbx_database_status.process_site                    PDBE 
_pdbx_database_status.SG_entry                        . 
_pdbx_database_status.recvd_initial_deposition_date   2010-12-21 
_pdbx_database_status.pdb_format_compatible           Y 
_pdbx_database_status.status_code_sf                  REL 
_pdbx_database_status.status_code_mr                  ? 
_pdbx_database_status.status_code_cs                  ? 
_pdbx_database_status.methods_development_category    ? 
_pdbx_database_status.status_code_nmr_data            ? 
# 
loop_
_pdbx_database_related.db_name 
_pdbx_database_related.db_id 
_pdbx_database_related.content_type 
_pdbx_database_related.details 
PDB 1UOA unspecified 'AFTER 3NS' 
PDB 1TAW unspecified 'BOVINE TRYPSIN COMPLEXED TO APPI' 
PDB 2Y3J unspecified 'STRUCTURE OF SEGMENT AIIGLM FROM THE AMYLOID-BETA PEPTIDE (AB, RESIDUES 30-35)' 
PDB 1TKN unspecified 
'SOLUTION STRUCTURE OF CAPPD*, AN INDEPENDENTLY FOLDEDEXTRACELLULAR DOMAIN OF HUMAN AMYLOID-BETA PRECURSORPROTEIN' 
PDB 1QCM unspecified 'AMYLOID BETA PEPTIDE (25-35), NMR, 20 STRUCTURES' 
PDB 1BA6 unspecified 
;SOLUTION STRUCTURE OF THE METHIONINE-OXIDIZED AMYLOID BETA-PEPTIDE (1-40). DOES OXIDATION AFFECT CONFORMATIONAL SWITCHING? NMR, 10 STRUCTURES
;
PDB 1QYT unspecified 'SOLUTION STRUCTURE OF FRAGMENT (25-35) OF BETA AMYLOIDPEPTIDE IN SDS MICELLAR SOLUTION' 
PDB 1BJB unspecified 'SOLUTION NMR STRUCTURE OF AMYLOID BETA[E16], RESIDUES 1-28, 14 STRUCTURES' 
PDB 2Y3L unspecified 'STRUCTURE OF SEGMENT MVGGVVIA FROM THE AMYLOID-BETA PEPTIDE (AB, RESIDUES 35-42), ALTERNATE POLYMORPH 2' 
PDB 2Y2A unspecified 'STRUCTURE OF SEGMENT KLVFFA FROM THE AMYLOID-BETA PEPTIDE (AB, RESIDUES 16-21), ALTERNATE POLYMORPH I' 
PDB 1CA0 unspecified 'BOVINE CHYMOTRYPSIN COMPLEXED TO APPI' 
PDB 1BRC unspecified . 
PDB 1BA4 unspecified 
;THE SOLUTION STRUCTURE OF AMYLOID BETA-PEPTIDE (1-40 ) IN A WATER-MICELLE ENVIRONMENT. IS THE MEMBRANE- SPANNING DOMAIN WHERE WE THINK IT IS? NMR, 10 STRUCTURES
;
PDB 1UO8 unspecified 'AFTER 2NS' 
PDB 2WK3 unspecified 'CRYSTAL STRUCTURE OF HUMAN INSULIN-DEGRADING ENZYME IN COMPLEX WITH AMYLOID-BETA (1-42)' 
PDB 1AAP unspecified . 
PDB 1X11 unspecified 'X11 PTB DOMAIN' 
PDB 1QWP unspecified 'NMR ANALYSIS OF 25-35 FRAGMENT OF BETA AMYLOID PEPTIDE' 
PDB 1ZE9 unspecified 
;ZINC-BINDING DOMAIN OF ALZHEIMER'S DISEASE AMYLOID BETA-PEPTIDE COMPLEXED WITH A ZINC (II) CATION
;
PDB 1QXC unspecified 'NMR STRUCTURE OF THE FRAGMENT 25-35 OF BETA AMYLOID PEPTIDEIN 20/80 V:V HEXAFLUOROISOPROPANOL/WATER MIXTURE' 
PDB 1IYT unspecified 
;SOLUTION STRUCTURE OF THE ALZHEIMER'S DISEASE AMYLOID BETA-PEPTIDE (1-42)
;
PDB 1ZE7 unspecified 
;ZINC-BINDING DOMAIN OF ALZHEIMER'S DISEASE AMYLOID BETA-PEPTIDE IN WATER SOLUTION AT PH 6.5
;
PDB 2BEG unspecified 
;3D STRUCTURE OF ALZHEIMER'S ABETA(1-42) FIBRILS
;
PDB 1UOI unspecified 'AFTER 4NS' 
PDB 1AMB unspecified 
;ALZHEIMER'S DISEASE AMYLOID BETA-PEPTIDE (RESIDUES 1 - 28) (NMR, MINIMIZED AVERAGE STRUCTURE)
;
PDB 1RW6 unspecified 'HUMAN APP CORE DOMAIN' 
PDB 1OWT unspecified 
;STRUCTURE OF THE ALZHEIMER'S DISEASE AMYLOID PRECURSORPROTEIN COPPER BINDING DOMAIN
;
PDB 1UO7 unspecified 'MOLECULAR DYNAMICS SIMULATION OF AMYLOID BETA 1-42 ( PDB: 1IYT) IN WATER' 
PDB 1AML unspecified 
;THE ALZHEIMER'S DISEASE AMYLOID A4 PEPTIDE (RESIDUES 1 -40)
;
PDB 1AMC unspecified 
;ALZHEIMER'S DISEASE AMYLOID BETA-PEPTIDE (RESIDUES 1 - 28) (NMR, 5 STRUCTURES)
;
PDB 1ZJD unspecified 
;CRYSTAL STRUCTURE OF THE CATALYTIC DOMAIN OF COAGULATIONFACTOR XI IN COMPLEX WITH KUNITZ PROTEASE INHIBITOR DOMAINOF PROTEASE NEXIN II
;
PDB 2BP4 unspecified 
;ZINC-BINDING DOMAIN OF ALZHEIMER'S DISEASE AMYLOID BETA-PEPTIDE IN TFE-WATER (80-20) SOLUTION
;
PDB 2BOM unspecified 
;MODEL OF ALZHEIMER'S DISEASE AMYLOID-SS PEPTIDE BASED ON A RNA BINDING PROTEIN
;
PDB 1BJC unspecified 'SOLUTION NMR STRUCTURE OF AMYLOID BETA[F16], RESIDUES 1-28, 15 STRUCTURES' 
PDB 1MWP unspecified 'N-TERMINAL DOMAIN OF THE AMYLOID PRECURSOR PROTEIN' 
PDB 2Y29 unspecified 'STRUCTURE OF SEGMENT KLVFFA FROM THE AMYLOID-BETA PEPTIDE (AB, RESIDUES 16-21), ALTERNATE POLYMORPH III' 
PDB 1HZ3 unspecified 
;ALZHEIMER'S DISEASE AMYLOID-BETA PEPTIDE (RESIDUES 10- 35)
;
# 
loop_
_audit_author.name 
_audit_author.pdbx_ordinal 
'Colletier, J.P.' 1 
'Laganowsky, A.'  2 
'Sawaya, M.R.'    3 
'Eisenberg, D.'   4 
# 
_citation.id                        primary 
_citation.title                     'Molecular Basis for Amyloid-{Beta} Polymorphism.' 
_citation.journal_abbrev            Proc.Natl.Acad.Sci.USA 
_citation.journal_volume            108 
_citation.page_first                16938 
_citation.page_last                 ? 
_citation.year                      2011 
_citation.journal_id_ASTM           PNASA6 
_citation.country                   US 
_citation.journal_id_ISSN           0027-8424 
_citation.journal_id_CSD            0040 
_citation.book_publisher            ? 
_citation.pdbx_database_id_PubMed   21949245 
_citation.pdbx_database_id_DOI      10.1073/PNAS.1112600108 
# 
loop_
_citation_author.citation_id 
_citation_author.name 
_citation_author.ordinal 
_citation_author.identifier_ORCID 
primary 'Colletier, J.'   1  ? 
primary 'Laganowsky, A.'  2  ? 
primary 'Landau, M.'      3  ? 
primary 'Zhao, M.'        4  ? 
primary 'Soriaga, A.B.'   5  ? 
primary 'Goldschmidt, L.' 6  ? 
primary 'Flot, D.'        7  ? 
primary 'Cascio, D.'      8  ? 
primary 'Sawaya, M.R.'    9  ? 
primary 'Eisenberg, D.'   10 ? 
# 
_entity.id                         1 
_entity.type                       polymer 
_entity.src_method                 syn 
_entity.pdbx_description           'AMYLOID BETA A4 PROTEIN' 
_entity.formula_weight             744.943 
_entity.pdbx_number_of_molecules   8 
_entity.pdbx_ec                    ? 
_entity.pdbx_mutation              ? 
_entity.pdbx_fragment              'RESIDUES 706-713' 
_entity.details                    ? 
# 
_entity_name_com.entity_id   1 
_entity_name_com.name        
;AMYLOID BETA PEPTIDE, ABPP, APPI, APP, ALZHEIMER DISEASE AMYLOID PROTEIN, CEREBRAL VASCULAR AMYLOID PEPTIDE, CVAP, PREA4, PROTEASE NEXIN-II, PN-II
;
# 
_entity_poly.entity_id                      1 
_entity_poly.type                           'polypeptide(L)' 
_entity_poly.nstd_linkage                   no 
_entity_poly.nstd_monomer                   no 
_entity_poly.pdbx_seq_one_letter_code       MVGGVVIA 
_entity_poly.pdbx_seq_one_letter_code_can   MVGGVVIA 
_entity_poly.pdbx_strand_id                 A,B,C,D,E,F,G,H 
_entity_poly.pdbx_target_identifier         ? 
# 
loop_
_entity_poly_seq.entity_id 
_entity_poly_seq.num 
_entity_poly_seq.mon_id 
_entity_poly_seq.hetero 
1 1 MET n 
1 2 VAL n 
1 3 GLY n 
1 4 GLY n 
1 5 VAL n 
1 6 VAL n 
1 7 ILE n 
1 8 ALA n 
# 
_pdbx_entity_src_syn.entity_id              1 
_pdbx_entity_src_syn.pdbx_src_id            1 
_pdbx_entity_src_syn.pdbx_alt_source_flag   sample 
_pdbx_entity_src_syn.pdbx_beg_seq_num       ? 
_pdbx_entity_src_syn.pdbx_end_seq_num       ? 
_pdbx_entity_src_syn.organism_scientific    'HOMO SAPIENS' 
_pdbx_entity_src_syn.organism_common_name   HUMAN 
_pdbx_entity_src_syn.ncbi_taxonomy_id       9606 
_pdbx_entity_src_syn.details                ? 
# 
loop_
_chem_comp.id 
_chem_comp.type 
_chem_comp.mon_nstd_flag 
_chem_comp.name 
_chem_comp.pdbx_synonyms 
_chem_comp.formula 
_chem_comp.formula_weight 
ALA 'L-peptide linking' y ALANINE    ? 'C3 H7 N O2'    89.093  
GLY 'peptide linking'   y GLYCINE    ? 'C2 H5 N O2'    75.067  
ILE 'L-peptide linking' y ISOLEUCINE ? 'C6 H13 N O2'   131.173 
MET 'L-peptide linking' y METHIONINE ? 'C5 H11 N O2 S' 149.211 
VAL 'L-peptide linking' y VALINE     ? 'C5 H11 N O2'   117.146 
# 
loop_
_pdbx_poly_seq_scheme.asym_id 
_pdbx_poly_seq_scheme.entity_id 
_pdbx_poly_seq_scheme.seq_id 
_pdbx_poly_seq_scheme.mon_id 
_pdbx_poly_seq_scheme.ndb_seq_num 
_pdbx_poly_seq_scheme.pdb_seq_num 
_pdbx_poly_seq_scheme.auth_seq_num 
_pdbx_poly_seq_scheme.pdb_mon_id 
_pdbx_poly_seq_scheme.auth_mon_id 
_pdbx_poly_seq_scheme.pdb_strand_id 
_pdbx_poly_seq_scheme.pdb_ins_code 
_pdbx_poly_seq_scheme.hetero 
A 1 1 MET 1 1 1 MET MET A . n 
A 1 2 VAL 2 2 2 VAL VAL A . n 
A 1 3 GLY 3 3 3 GLY GLY A . n 
A 1 4 GLY 4 4 4 GLY GLY A . n 
A 1 5 VAL 5 5 5 VAL VAL A . n 
A 1 6 VAL 6 6 6 VAL VAL A . n 
A 1 7 ILE 7 7 7 ILE ILE A . n 
A 1 8 ALA 8 8 8 ALA ALA A . n 
B 1 1 MET 1 1 1 MET MET B . n 
B 1 2 VAL 2 2 2 VAL VAL B . n 
B 1 3 GLY 3 3 3 GLY GLY B . n 
B 1 4 GLY 4 4 4 GLY GLY B . n 
B 1 5 VAL 5 5 5 VAL VAL B . n 
B 1 6 VAL 6 6 6 VAL VAL B . n 
B 1 7 ILE 7 7 7 ILE ILE B . n 
B 1 8 ALA 8 8 8 ALA ALA B . n 
C 1 1 MET 1 1 1 MET MET C . n 
C 1 2 VAL 2 2 2 VAL VAL C . n 
C 1 3 GLY 3 3 3 GLY GLY C . n 
C 1 4 GLY 4 4 4 GLY GLY C . n 
C 1 5 VAL 5 5 5 VAL VAL C . n 
C 1 6 VAL 6 6 6 VAL VAL C . n 
C 1 7 ILE 7 7 7 ILE ILE C . n 
C 1 8 ALA 8 8 8 ALA ALA C . n 
D 1 1 MET 1 1 1 MET MET D . n 
D 1 2 VAL 2 2 2 VAL VAL D . n 
D 1 3 GLY 3 3 3 GLY GLY D . n 
D 1 4 GLY 4 4 4 GLY GLY D . n 
D 1 5 VAL 5 5 5 VAL VAL D . n 
D 1 6 VAL 6 6 6 VAL VAL D . n 
D 1 7 ILE 7 7 7 ILE ILE D . n 
D 1 8 ALA 8 8 8 ALA ALA D . n 
E 1 1 MET 1 1 1 MET MET E . n 
E 1 2 VAL 2 2 2 VAL VAL E . n 
E 1 3 GLY 3 3 3 GLY GLY E . n 
E 1 4 GLY 4 4 4 GLY GLY E . n 
E 1 5 VAL 5 5 5 VAL VAL E . n 
E 1 6 VAL 6 6 6 VAL VAL E . n 
E 1 7 ILE 7 7 7 ILE ILE E . n 
E 1 8 ALA 8 8 8 ALA ALA E . n 
F 1 1 MET 1 1 1 MET MET F . n 
F 1 2 VAL 2 2 2 VAL VAL F . n 
F 1 3 GLY 3 3 3 GLY GLY F . n 
F 1 4 GLY 4 4 4 GLY GLY F . n 
F 1 5 VAL 5 5 5 VAL VAL F . n 
F 1 6 VAL 6 6 6 VAL VAL F . n 
F 1 7 ILE 7 7 7 ILE ILE F . n 
F 1 8 ALA 8 8 8 ALA ALA F . n 
G 1 1 MET 1 1 1 MET MET G . n 
G 1 2 VAL 2 2 2 VAL VAL G . n 
G 1 3 GLY 3 3 3 GLY GLY G . n 
G 1 4 GLY 4 4 4 GLY GLY G . n 
G 1 5 VAL 5 5 5 VAL VAL G . n 
G 1 6 VAL 6 6 6 VAL VAL G . n 
G 1 7 ILE 7 7 7 ILE ILE G . n 
G 1 8 ALA 8 8 8 ALA ALA G . n 
H 1 1 MET 1 1 1 MET MET H . n 
H 1 2 VAL 2 2 2 VAL VAL H . n 
H 1 3 GLY 3 3 3 GLY GLY H . n 
H 1 4 GLY 4 4 4 GLY GLY H . n 
H 1 5 VAL 5 5 5 VAL VAL H . n 
H 1 6 VAL 6 6 6 VAL VAL H . n 
H 1 7 ILE 7 7 7 ILE ILE H . n 
H 1 8 ALA 8 8 8 ALA ALA H . n 
# 
loop_
_software.name 
_software.classification 
_software.version 
_software.citation_id 
_software.pdbx_ordinal 
REFMAC refinement       5.6.0081 ? 1 
XDS    'data reduction' .        ? 2 
XSCALE 'data scaling'   .        ? 3 
PHASER phasing          .        ? 4 
# 
_cell.entry_id           2Y3K 
_cell.length_a           9.470 
_cell.length_b           20.280 
_cell.length_c           47.690 
_cell.angle_alpha        90.21 
_cell.angle_beta         89.78 
_cell.angle_gamma        103.55 
_cell.Z_PDB              8 
_cell.pdbx_unique_axis   ? 
# 
_symmetry.entry_id                         2Y3K 
_symmetry.space_group_name_H-M             'P 1' 
_symmetry.pdbx_full_space_group_name_H-M   ? 
_symmetry.cell_setting                     ? 
_symmetry.Int_Tables_number                1 
# 
_exptl.entry_id          2Y3K 
_exptl.method            'X-RAY DIFFRACTION' 
_exptl.crystals_number   1 
# 
_exptl_crystal.id                    1 
_exptl_crystal.density_meas          ? 
_exptl_crystal.density_Matthews      1.53 
_exptl_crystal.density_percent_sol   19.82 
_exptl_crystal.description           NONE 
# 
_exptl_crystal_grow.crystal_id      1 
_exptl_crystal_grow.method          ? 
_exptl_crystal_grow.temp            ? 
_exptl_crystal_grow.temp_details    ? 
_exptl_crystal_grow.pH              5.6 
_exptl_crystal_grow.pdbx_pH_range   ? 
_exptl_crystal_grow.pdbx_details    
;AB3542 CRYSTALS (FIRST DISSOLVED IN WATER) WERE FOUND IN 1.5-YEAR-OLD TRAYS SET AT 0.5 MG/ML IN 1.26 M NA PHOSPHATE MONOBASIC MONOHYDRATE, 0.14 M K PHOSPHATE DIBASIC, PH 5.6 (CRYSTAL FORM I)
;
# 
_diffrn.id                     1 
_diffrn.ambient_temp           100 
_diffrn.ambient_temp_details   ? 
_diffrn.crystal_id             1 
# 
_diffrn_detector.diffrn_id              1 
_diffrn_detector.detector               CCD 
_diffrn_detector.type                   'ADSC CCD' 
_diffrn_detector.pdbx_collection_date   ? 
_diffrn_detector.details                ? 
# 
_diffrn_radiation.diffrn_id                        1 
_diffrn_radiation.wavelength_id                    1 
_diffrn_radiation.pdbx_monochromatic_or_laue_m_l   M 
_diffrn_radiation.monochromator                    ? 
_diffrn_radiation.pdbx_diffrn_protocol             'SINGLE WAVELENGTH' 
_diffrn_radiation.pdbx_scattering_type             x-ray 
# 
_diffrn_radiation_wavelength.id           1 
_diffrn_radiation_wavelength.wavelength   0.87260 
_diffrn_radiation_wavelength.wt           1.0 
# 
_diffrn_source.diffrn_id                   1 
_diffrn_source.source                      SYNCHROTRON 
_diffrn_source.type                        'APS BEAMLINE 24-ID-E' 
_diffrn_source.pdbx_synchrotron_site       APS 
_diffrn_source.pdbx_synchrotron_beamline   24-ID-E 
_diffrn_source.pdbx_wavelength             0.87260 
_diffrn_source.pdbx_wavelength_list        ? 
# 
_reflns.pdbx_diffrn_id               1 
_reflns.pdbx_ordinal                 1 
_reflns.entry_id                     2Y3K 
_reflns.observed_criterion_sigma_I   1.9 
_reflns.observed_criterion_sigma_F   ? 
_reflns.d_resolution_low             47.69 
_reflns.d_resolution_high            1.90 
_reflns.number_obs                   2132 
_reflns.number_all                   ? 
_reflns.percent_possible_obs         82.4 
_reflns.pdbx_Rmerge_I_obs            0.06 
_reflns.pdbx_Rsym_value              ? 
_reflns.pdbx_netI_over_sigmaI        4.60 
_reflns.B_iso_Wilson_estimate        21.25 
_reflns.pdbx_redundancy              1.44 
# 
_reflns_shell.pdbx_diffrn_id         1 
_reflns_shell.pdbx_ordinal           1 
_reflns_shell.d_res_high             1.90 
_reflns_shell.d_res_low              2.00 
_reflns_shell.percent_possible_all   76.8 
_reflns_shell.Rmerge_I_obs           0.33 
_reflns_shell.pdbx_Rsym_value        ? 
_reflns_shell.meanI_over_sigI_obs    1.94 
_reflns_shell.pdbx_redundancy        1.3 
# 
_refine.pdbx_refine_id                           'X-RAY DIFFRACTION' 
_refine.entry_id                                 2Y3K 
_refine.pdbx_diffrn_id                           1 
_refine.pdbx_TLS_residual_ADP_flag               ? 
_refine.ls_number_reflns_obs                     2132 
_refine.ls_number_reflns_all                     ? 
_refine.pdbx_ls_sigma_I                          ? 
_refine.pdbx_ls_sigma_F                          . 
_refine.pdbx_data_cutoff_high_absF               ? 
_refine.pdbx_data_cutoff_low_absF                ? 
_refine.pdbx_data_cutoff_high_rms_absF           ? 
_refine.ls_d_res_low                             47.69 
_refine.ls_d_res_high                            1.90 
_refine.ls_percent_reflns_obs                    82.40 
_refine.ls_R_factor_obs                          0.21448 
_refine.ls_R_factor_all                          ? 
_refine.ls_R_factor_R_work                       0.21366 
_refine.ls_R_factor_R_free                       0.23106 
_refine.ls_R_factor_R_free_error                 ? 
_refine.ls_R_factor_R_free_error_details         ? 
_refine.ls_percent_reflns_R_free                 4.3 
_refine.ls_number_reflns_R_free                  96 
_refine.ls_number_parameters                     ? 
_refine.ls_number_restraints                     ? 
_refine.occupancy_min                            ? 
_refine.occupancy_max                            ? 
_refine.correlation_coeff_Fo_to_Fc               0.978 
_refine.correlation_coeff_Fo_to_Fc_free          0.969 
_refine.B_iso_mean                               23.384 
_refine.aniso_B[1][1]                            0.18 
_refine.aniso_B[2][2]                            0.04 
_refine.aniso_B[3][3]                            -0.26 
_refine.aniso_B[1][2]                            -0.09 
_refine.aniso_B[1][3]                            -0.34 
_refine.aniso_B[2][3]                            0.31 
_refine.solvent_model_details                    MASK 
_refine.solvent_model_param_ksol                 ? 
_refine.solvent_model_param_bsol                 ? 
_refine.pdbx_solvent_vdw_probe_radii             1.20 
_refine.pdbx_solvent_ion_probe_radii             0.80 
_refine.pdbx_solvent_shrinkage_radii             0.80 
_refine.pdbx_ls_cross_valid_method               THROUGHOUT 
_refine.details                                  'HYDROGENS HAVE BEEN ADDED IN THE RIDING POSITIONS.' 
_refine.pdbx_starting_model                      ? 
_refine.pdbx_method_to_determine_struct          'MOLECULAR REPLACEMENT' 
_refine.pdbx_isotropic_thermal_model             ? 
_refine.pdbx_stereochemistry_target_values       'MAXIMUM LIKELIHOOD' 
_refine.pdbx_stereochem_target_val_spec_case     ? 
_refine.pdbx_R_Free_selection_details            RANDOM 
_refine.pdbx_overall_ESU_R                       0.396 
_refine.pdbx_overall_ESU_R_Free                  0.208 
_refine.overall_SU_ML                            0.168 
_refine.pdbx_overall_phase_error                 ? 
_refine.overall_SU_B                             6.593 
_refine.overall_SU_R_Cruickshank_DPI             ? 
_refine.pdbx_overall_SU_R_free_Cruickshank_DPI   ? 
_refine.pdbx_overall_SU_R_Blow_DPI               ? 
_refine.pdbx_overall_SU_R_free_Blow_DPI          ? 
# 
_refine_hist.pdbx_refine_id                   'X-RAY DIFFRACTION' 
_refine_hist.cycle_id                         LAST 
_refine_hist.pdbx_number_atoms_protein        408 
_refine_hist.pdbx_number_atoms_nucleic_acid   0 
_refine_hist.pdbx_number_atoms_ligand         0 
_refine_hist.number_atoms_solvent             0 
_refine_hist.number_atoms_total               408 
_refine_hist.d_res_high                       1.90 
_refine_hist.d_res_low                        47.69 
# 
loop_
_refine_ls_restr.type 
_refine_ls_restr.dev_ideal 
_refine_ls_restr.dev_ideal_target 
_refine_ls_restr.weight 
_refine_ls_restr.number 
_refine_ls_restr.pdbx_refine_id 
_refine_ls_restr.pdbx_restraint_function 
r_bond_refined_d             0.023  0.023  ? 400 'X-RAY DIFFRACTION' ? 
r_bond_other_d               ?      ?      ? ?   'X-RAY DIFFRACTION' ? 
r_angle_refined_deg          2.327  2.030  ? 536 'X-RAY DIFFRACTION' ? 
r_angle_other_deg            ?      ?      ? ?   'X-RAY DIFFRACTION' ? 
r_dihedral_angle_1_deg       9.517  5.000  ? 56  'X-RAY DIFFRACTION' ? 
r_dihedral_angle_2_deg       ?      ?      ? ?   'X-RAY DIFFRACTION' ? 
r_dihedral_angle_3_deg       19.977 15.000 ? 64  'X-RAY DIFFRACTION' ? 
r_dihedral_angle_4_deg       ?      ?      ? ?   'X-RAY DIFFRACTION' ? 
r_chiral_restr               0.131  0.200  ? 80  'X-RAY DIFFRACTION' ? 
r_gen_planes_refined         0.005  0.020  ? 256 'X-RAY DIFFRACTION' ? 
r_gen_planes_other           ?      ?      ? ?   'X-RAY DIFFRACTION' ? 
r_nbd_refined                ?      ?      ? ?   'X-RAY DIFFRACTION' ? 
r_nbd_other                  ?      ?      ? ?   'X-RAY DIFFRACTION' ? 
r_nbtor_refined              ?      ?      ? ?   'X-RAY DIFFRACTION' ? 
r_nbtor_other                ?      ?      ? ?   'X-RAY DIFFRACTION' ? 
r_xyhbond_nbd_refined        ?      ?      ? ?   'X-RAY DIFFRACTION' ? 
r_xyhbond_nbd_other          ?      ?      ? ?   'X-RAY DIFFRACTION' ? 
r_metal_ion_refined          ?      ?      ? ?   'X-RAY DIFFRACTION' ? 
r_metal_ion_other            ?      ?      ? ?   'X-RAY DIFFRACTION' ? 
r_symmetry_vdw_refined       ?      ?      ? ?   'X-RAY DIFFRACTION' ? 
r_symmetry_vdw_other         ?      ?      ? ?   'X-RAY DIFFRACTION' ? 
r_symmetry_hbond_refined     ?      ?      ? ?   'X-RAY DIFFRACTION' ? 
r_symmetry_hbond_other       ?      ?      ? ?   'X-RAY DIFFRACTION' ? 
r_symmetry_metal_ion_refined ?      ?      ? ?   'X-RAY DIFFRACTION' ? 
r_symmetry_metal_ion_other   ?      ?      ? ?   'X-RAY DIFFRACTION' ? 
r_mcbond_it                  ?      ?      ? ?   'X-RAY DIFFRACTION' ? 
r_mcbond_other               ?      ?      ? ?   'X-RAY DIFFRACTION' ? 
r_mcangle_it                 ?      ?      ? ?   'X-RAY DIFFRACTION' ? 
r_mcangle_other              ?      ?      ? ?   'X-RAY DIFFRACTION' ? 
r_scbond_it                  ?      ?      ? ?   'X-RAY DIFFRACTION' ? 
r_scbond_other               ?      ?      ? ?   'X-RAY DIFFRACTION' ? 
r_scangle_it                 ?      ?      ? ?   'X-RAY DIFFRACTION' ? 
r_scangle_other              ?      ?      ? ?   'X-RAY DIFFRACTION' ? 
r_long_range_B_refined       ?      ?      ? ?   'X-RAY DIFFRACTION' ? 
r_long_range_B_other         ?      ?      ? ?   'X-RAY DIFFRACTION' ? 
r_rigid_bond_restr           ?      ?      ? ?   'X-RAY DIFFRACTION' ? 
r_sphericity_free            ?      ?      ? ?   'X-RAY DIFFRACTION' ? 
r_sphericity_bonded          ?      ?      ? ?   'X-RAY DIFFRACTION' ? 
# 
_refine_ls_shell.pdbx_refine_id                   'X-RAY DIFFRACTION' 
_refine_ls_shell.pdbx_total_number_of_bins_used   20 
_refine_ls_shell.d_res_high                       1.896 
_refine_ls_shell.d_res_low                        1.946 
_refine_ls_shell.number_reflns_R_work             115 
_refine_ls_shell.R_factor_R_work                  0.295 
_refine_ls_shell.percent_reflns_obs               70.00 
_refine_ls_shell.R_factor_R_free                  0.357 
_refine_ls_shell.R_factor_R_free_error            ? 
_refine_ls_shell.percent_reflns_R_free            ? 
_refine_ls_shell.number_reflns_R_free             4 
_refine_ls_shell.number_reflns_all                ? 
_refine_ls_shell.R_factor_all                     ? 
# 
_struct.entry_id                  2Y3K 
_struct.title                     
'Structure of segment MVGGVVIA from the amyloid-beta peptide (Ab, residues 35-42), alternate polymorph 1' 
_struct.pdbx_model_details        ? 
_struct.pdbx_CASP_flag            ? 
_struct.pdbx_model_type_details   ? 
# 
_struct_keywords.entry_id        2Y3K 
_struct_keywords.pdbx_keywords   'PROTEIN FIBRIL' 
_struct_keywords.text            'PROTEIN FIBRIL, ALZHEIMER DISEASE' 
# 
loop_
_struct_asym.id 
_struct_asym.pdbx_blank_PDB_chainid_flag 
_struct_asym.pdbx_modified 
_struct_asym.entity_id 
_struct_asym.details 
A N N 1 ? 
B N N 1 ? 
C N N 1 ? 
D N N 1 ? 
E N N 1 ? 
F N N 1 ? 
G N N 1 ? 
H N N 1 ? 
# 
_struct_ref.id                         1 
_struct_ref.db_name                    UNP 
_struct_ref.db_code                    A4_HUMAN 
_struct_ref.entity_id                  1 
_struct_ref.pdbx_seq_one_letter_code   ? 
_struct_ref.pdbx_align_begin           ? 
_struct_ref.pdbx_db_accession          P05067 
_struct_ref.pdbx_db_isoform            ? 
# 
loop_
_struct_ref_seq.align_id 
_struct_ref_seq.ref_id 
_struct_ref_seq.pdbx_PDB_id_code 
_struct_ref_seq.pdbx_strand_id 
_struct_ref_seq.seq_align_beg 
_struct_ref_seq.pdbx_seq_align_beg_ins_code 
_struct_ref_seq.seq_align_end 
_struct_ref_seq.pdbx_seq_align_end_ins_code 
_struct_ref_seq.pdbx_db_accession 
_struct_ref_seq.db_align_beg 
_struct_ref_seq.pdbx_db_align_beg_ins_code 
_struct_ref_seq.db_align_end 
_struct_ref_seq.pdbx_db_align_end_ins_code 
_struct_ref_seq.pdbx_auth_seq_align_beg 
_struct_ref_seq.pdbx_auth_seq_align_end 
1 1 2Y3K A 1 ? 8 ? P05067 706 ? 713 ? 1 8 
2 1 2Y3K B 1 ? 8 ? P05067 706 ? 713 ? 1 8 
3 1 2Y3K C 1 ? 8 ? P05067 706 ? 713 ? 1 8 
4 1 2Y3K D 1 ? 8 ? P05067 706 ? 713 ? 1 8 
5 1 2Y3K E 1 ? 8 ? P05067 706 ? 713 ? 1 8 
6 1 2Y3K F 1 ? 8 ? P05067 706 ? 713 ? 1 8 
7 1 2Y3K G 1 ? 8 ? P05067 706 ? 713 ? 1 8 
8 1 2Y3K H 1 ? 8 ? P05067 706 ? 713 ? 1 8 
# 
loop_
_pdbx_struct_assembly.id 
_pdbx_struct_assembly.details 
_pdbx_struct_assembly.method_details 
_pdbx_struct_assembly.oligomeric_details 
_pdbx_struct_assembly.oligomeric_count 
1 author_and_software_defined_assembly PQS dimeric 2 
2 author_and_software_defined_assembly PQS dimeric 2 
3 author_and_software_defined_assembly PQS dimeric 2 
4 author_and_software_defined_assembly PQS dimeric 2 
# 
loop_
_pdbx_struct_assembly_prop.biol_id 
_pdbx_struct_assembly_prop.type 
_pdbx_struct_assembly_prop.value 
_pdbx_struct_assembly_prop.details 
1 'ABSA (A^2)' 730  ? 
1 MORE         -5.6 ? 
1 'SSA (A^2)'  2020 ? 
2 'ABSA (A^2)' 670  ? 
2 MORE         -4.7 ? 
2 'SSA (A^2)'  2090 ? 
3 'ABSA (A^2)' 690  ? 
3 MORE         -5.2 ? 
3 'SSA (A^2)'  2030 ? 
4 'ABSA (A^2)' 650  ? 
4 MORE         -5.2 ? 
4 'SSA (A^2)'  2010 ? 
# 
loop_
_pdbx_struct_assembly_gen.assembly_id 
_pdbx_struct_assembly_gen.oper_expression 
_pdbx_struct_assembly_gen.asym_id_list 
1 1 A,B 
2 1 C,D 
3 1 E,F 
4 1 G,H 
# 
_pdbx_struct_oper_list.id                   1 
_pdbx_struct_oper_list.type                 'identity operation' 
_pdbx_struct_oper_list.name                 1_555 
_pdbx_struct_oper_list.symmetry_operation   x,y,z 
_pdbx_struct_oper_list.matrix[1][1]         1.0000000000 
_pdbx_struct_oper_list.matrix[1][2]         0.0000000000 
_pdbx_struct_oper_list.matrix[1][3]         0.0000000000 
_pdbx_struct_oper_list.vector[1]            0.0000000000 
_pdbx_struct_oper_list.matrix[2][1]         0.0000000000 
_pdbx_struct_oper_list.matrix[2][2]         1.0000000000 
_pdbx_struct_oper_list.matrix[2][3]         0.0000000000 
_pdbx_struct_oper_list.vector[2]            0.0000000000 
_pdbx_struct_oper_list.matrix[3][1]         0.0000000000 
_pdbx_struct_oper_list.matrix[3][2]         0.0000000000 
_pdbx_struct_oper_list.matrix[3][3]         1.0000000000 
_pdbx_struct_oper_list.vector[3]            0.0000000000 
# 
_struct_biol.id   1 
# 
loop_
_struct_sheet.id 
_struct_sheet.type 
_struct_sheet.number_strands 
_struct_sheet.details 
AA ? 2 ? 
CA ? 2 ? 
EA ? 2 ? 
GA ? 2 ? 
# 
loop_
_struct_sheet_order.sheet_id 
_struct_sheet_order.range_id_1 
_struct_sheet_order.range_id_2 
_struct_sheet_order.offset 
_struct_sheet_order.sense 
AA 1 2 ? parallel 
CA 1 2 ? parallel 
EA 1 2 ? parallel 
GA 1 2 ? parallel 
# 
loop_
_struct_sheet_range.sheet_id 
_struct_sheet_range.id 
_struct_sheet_range.beg_label_comp_id 
_struct_sheet_range.beg_label_asym_id 
_struct_sheet_range.beg_label_seq_id 
_struct_sheet_range.pdbx_beg_PDB_ins_code 
_struct_sheet_range.end_label_comp_id 
_struct_sheet_range.end_label_asym_id 
_struct_sheet_range.end_label_seq_id 
_struct_sheet_range.pdbx_end_PDB_ins_code 
_struct_sheet_range.beg_auth_comp_id 
_struct_sheet_range.beg_auth_asym_id 
_struct_sheet_range.beg_auth_seq_id 
_struct_sheet_range.end_auth_comp_id 
_struct_sheet_range.end_auth_asym_id 
_struct_sheet_range.end_auth_seq_id 
AA 1 VAL A 2 ? ILE A 7 ? VAL A 2 ILE A 7 
AA 2 VAL B 2 ? ILE B 7 ? VAL B 2 ILE B 7 
CA 1 VAL C 2 ? ILE C 7 ? VAL C 2 ILE C 7 
CA 2 VAL D 2 ? ILE D 7 ? VAL D 2 ILE D 7 
EA 1 VAL E 5 ? ILE E 7 ? VAL E 5 ILE E 7 
EA 2 VAL F 5 ? ILE F 7 ? VAL F 5 ILE F 7 
GA 1 VAL G 5 ? ILE G 7 ? VAL G 5 ILE G 7 
GA 2 VAL H 5 ? ILE H 7 ? VAL H 5 ILE H 7 
# 
loop_
_pdbx_struct_sheet_hbond.sheet_id 
_pdbx_struct_sheet_hbond.range_id_1 
_pdbx_struct_sheet_hbond.range_id_2 
_pdbx_struct_sheet_hbond.range_1_label_atom_id 
_pdbx_struct_sheet_hbond.range_1_label_comp_id 
_pdbx_struct_sheet_hbond.range_1_label_asym_id 
_pdbx_struct_sheet_hbond.range_1_label_seq_id 
_pdbx_struct_sheet_hbond.range_1_PDB_ins_code 
_pdbx_struct_sheet_hbond.range_1_auth_atom_id 
_pdbx_struct_sheet_hbond.range_1_auth_comp_id 
_pdbx_struct_sheet_hbond.range_1_auth_asym_id 
_pdbx_struct_sheet_hbond.range_1_auth_seq_id 
_pdbx_struct_sheet_hbond.range_2_label_atom_id 
_pdbx_struct_sheet_hbond.range_2_label_comp_id 
_pdbx_struct_sheet_hbond.range_2_label_asym_id 
_pdbx_struct_sheet_hbond.range_2_label_seq_id 
_pdbx_struct_sheet_hbond.range_2_PDB_ins_code 
_pdbx_struct_sheet_hbond.range_2_auth_atom_id 
_pdbx_struct_sheet_hbond.range_2_auth_comp_id 
_pdbx_struct_sheet_hbond.range_2_auth_asym_id 
_pdbx_struct_sheet_hbond.range_2_auth_seq_id 
AA 1 2 N GLY A 3 ? N GLY A 3 O VAL B 2 ? O VAL B 2 
CA 1 2 N GLY C 3 ? N GLY C 3 O VAL D 2 ? O VAL D 2 
EA 1 2 N ILE E 7 ? N ILE E 7 O VAL F 6 ? O VAL F 6 
GA 1 2 N ILE G 7 ? N ILE G 7 O VAL H 6 ? O VAL H 6 
# 
_pdbx_entry_details.entry_id                 2Y3K 
_pdbx_entry_details.compound_details         ? 
_pdbx_entry_details.source_details           ? 
_pdbx_entry_details.nonpolymer_details       ? 
_pdbx_entry_details.sequence_details         
;AMYLOID BETA PEPTIDE (AB) IS A PROTEOLYTIC PRODUCT OF THE
AMYLOID PRECURSOR PROTEIN (APP). AB SEGMENT 35-MVGGVVIA-42
CORRESPONDS TO RESIDUES 706-713 OF APP
;
_pdbx_entry_details.has_ligand_of_interest   ? 
# 
loop_
_chem_comp_atom.comp_id 
_chem_comp_atom.atom_id 
_chem_comp_atom.type_symbol 
_chem_comp_atom.pdbx_aromatic_flag 
_chem_comp_atom.pdbx_stereo_config 
_chem_comp_atom.pdbx_ordinal 
ALA N    N N N 1  
ALA CA   C N S 2  
ALA C    C N N 3  
ALA O    O N N 4  
ALA CB   C N N 5  
ALA OXT  O N N 6  
ALA H    H N N 7  
ALA H2   H N N 8  
ALA HA   H N N 9  
ALA HB1  H N N 10 
ALA HB2  H N N 11 
ALA HB3  H N N 12 
ALA HXT  H N N 13 
GLY N    N N N 14 
GLY CA   C N N 15 
GLY C    C N N 16 
GLY O    O N N 17 
GLY OXT  O N N 18 
GLY H    H N N 19 
GLY H2   H N N 20 
GLY HA2  H N N 21 
GLY HA3  H N N 22 
GLY HXT  H N N 23 
ILE N    N N N 24 
ILE CA   C N S 25 
ILE C    C N N 26 
ILE O    O N N 27 
ILE CB   C N S 28 
ILE CG1  C N N 29 
ILE CG2  C N N 30 
ILE CD1  C N N 31 
ILE OXT  O N N 32 
ILE H    H N N 33 
ILE H2   H N N 34 
ILE HA   H N N 35 
ILE HB   H N N 36 
ILE HG12 H N N 37 
ILE HG13 H N N 38 
ILE HG21 H N N 39 
ILE HG22 H N N 40 
ILE HG23 H N N 41 
ILE HD11 H N N 42 
ILE HD12 H N N 43 
ILE HD13 H N N 44 
ILE HXT  H N N 45 
MET N    N N N 46 
MET CA   C N S 47 
MET C    C N N 48 
MET O    O N N 49 
MET CB   C N N 50 
MET CG   C N N 51 
MET SD   S N N 52 
MET CE   C N N 53 
MET OXT  O N N 54 
MET H    H N N 55 
MET H2   H N N 56 
MET HA   H N N 57 
MET HB2  H N N 58 
MET HB3  H N N 59 
MET HG2  H N N 60 
MET HG3  H N N 61 
MET HE1  H N N 62 
MET HE2  H N N 63 
MET HE3  H N N 64 
MET HXT  H N N 65 
VAL N    N N N 66 
VAL CA   C N S 67 
VAL C    C N N 68 
VAL O    O N N 69 
VAL CB   C N N 70 
VAL CG1  C N N 71 
VAL CG2  C N N 72 
VAL OXT  O N N 73 
VAL H    H N N 74 
VAL H2   H N N 75 
VAL HA   H N N 76 
VAL HB   H N N 77 
VAL HG11 H N N 78 
VAL HG12 H N N 79 
VAL HG13 H N N 80 
VAL HG21 H N N 81 
VAL HG22 H N N 82 
VAL HG23 H N N 83 
VAL HXT  H N N 84 
# 
loop_
_chem_comp_bond.comp_id 
_chem_comp_bond.atom_id_1 
_chem_comp_bond.atom_id_2 
_chem_comp_bond.value_order 
_chem_comp_bond.pdbx_aromatic_flag 
_chem_comp_bond.pdbx_stereo_config 
_chem_comp_bond.pdbx_ordinal 
ALA N   CA   sing N N 1  
ALA N   H    sing N N 2  
ALA N   H2   sing N N 3  
ALA CA  C    sing N N 4  
ALA CA  CB   sing N N 5  
ALA CA  HA   sing N N 6  
ALA C   O    doub N N 7  
ALA C   OXT  sing N N 8  
ALA CB  HB1  sing N N 9  
ALA CB  HB2  sing N N 10 
ALA CB  HB3  sing N N 11 
ALA OXT HXT  sing N N 12 
GLY N   CA   sing N N 13 
GLY N   H    sing N N 14 
GLY N   H2   sing N N 15 
GLY CA  C    sing N N 16 
GLY CA  HA2  sing N N 17 
GLY CA  HA3  sing N N 18 
GLY C   O    doub N N 19 
GLY C   OXT  sing N N 20 
GLY OXT HXT  sing N N 21 
ILE N   CA   sing N N 22 
ILE N   H    sing N N 23 
ILE N   H2   sing N N 24 
ILE CA  C    sing N N 25 
ILE CA  CB   sing N N 26 
ILE CA  HA   sing N N 27 
ILE C   O    doub N N 28 
ILE C   OXT  sing N N 29 
ILE CB  CG1  sing N N 30 
ILE CB  CG2  sing N N 31 
ILE CB  HB   sing N N 32 
ILE CG1 CD1  sing N N 33 
ILE CG1 HG12 sing N N 34 
ILE CG1 HG13 sing N N 35 
ILE CG2 HG21 sing N N 36 
ILE CG2 HG22 sing N N 37 
ILE CG2 HG23 sing N N 38 
ILE CD1 HD11 sing N N 39 
ILE CD1 HD12 sing N N 40 
ILE CD1 HD13 sing N N 41 
ILE OXT HXT  sing N N 42 
MET N   CA   sing N N 43 
MET N   H    sing N N 44 
MET N   H2   sing N N 45 
MET CA  C    sing N N 46 
MET CA  CB   sing N N 47 
MET CA  HA   sing N N 48 
MET C   O    doub N N 49 
MET C   OXT  sing N N 50 
MET CB  CG   sing N N 51 
MET CB  HB2  sing N N 52 
MET CB  HB3  sing N N 53 
MET CG  SD   sing N N 54 
MET CG  HG2  sing N N 55 
MET CG  HG3  sing N N 56 
MET SD  CE   sing N N 57 
MET CE  HE1  sing N N 58 
MET CE  HE2  sing N N 59 
MET CE  HE3  sing N N 60 
MET OXT HXT  sing N N 61 
VAL N   CA   sing N N 62 
VAL N   H    sing N N 63 
VAL N   H2   sing N N 64 
VAL CA  C    sing N N 65 
VAL CA  CB   sing N N 66 
VAL CA  HA   sing N N 67 
VAL C   O    doub N N 68 
VAL C   OXT  sing N N 69 
VAL CB  CG1  sing N N 70 
VAL CB  CG2  sing N N 71 
VAL CB  HB   sing N N 72 
VAL CG1 HG11 sing N N 73 
VAL CG1 HG12 sing N N 74 
VAL CG1 HG13 sing N N 75 
VAL CG2 HG21 sing N N 76 
VAL CG2 HG22 sing N N 77 
VAL CG2 HG23 sing N N 78 
VAL OXT HXT  sing N N 79 
# 
_atom_sites.entry_id                    2Y3K 
_atom_sites.fract_transf_matrix[1][1]   -0.03215581 
_atom_sites.fract_transf_matrix[1][2]   0.07232198 
_atom_sites.fract_transf_matrix[1][3]   0.07439103 
_atom_sites.fract_transf_matrix[2][1]   0.01346859 
_atom_sites.fract_transf_matrix[2][2]   -0.02139418 
_atom_sites.fract_transf_matrix[2][3]   0.04397188 
_atom_sites.fract_transf_matrix[3][1]   0.01872640 
_atom_sites.fract_transf_matrix[3][2]   0.00936975 
_atom_sites.fract_transf_matrix[3][3]   -0.00110845 
_atom_sites.fract_transf_vector[1]      0.266195 
_atom_sites.fract_transf_vector[2]      0.028760 
_atom_sites.fract_transf_vector[3]      -0.190708 
# 
loop_
_atom_type.symbol 
C 
N 
O 
S 
# 
loop_
_atom_site.group_PDB 
_atom_site.id 
_atom_site.type_symbol 
_atom_site.label_atom_id 
_atom_site.label_alt_id 
_atom_site.label_comp_id 
_atom_site.label_asym_id 
_atom_site.label_entity_id 
_atom_site.label_seq_id 
_atom_site.pdbx_PDB_ins_code 
_atom_site.Cartn_x 
_atom_site.Cartn_y 
_atom_site.Cartn_z 
_atom_site.occupancy 
_atom_site.B_iso_or_equiv 
_atom_site.pdbx_formal_charge 
_atom_site.auth_seq_id 
_atom_site.auth_comp_id 
_atom_site.auth_asym_id 
_atom_site.auth_atom_id 
_atom_site.pdbx_PDB_model_num 
ATOM 1   N N   . MET A 1 1 ? 19.888  10.374  1.758   1.00 37.91 ? 1 MET A N   1 
ATOM 2   C CA  . MET A 1 1 ? 18.857  11.124  1.038   1.00 29.35 ? 1 MET A CA  1 
ATOM 3   C C   . MET A 1 1 ? 17.821  10.068  0.748   1.00 27.77 ? 1 MET A C   1 
ATOM 4   O O   . MET A 1 1 ? 18.153  8.977   0.298   1.00 26.36 ? 1 MET A O   1 
ATOM 5   C CB  . MET A 1 1 ? 19.469  11.643  -0.219  1.00 32.21 ? 1 MET A CB  1 
ATOM 6   C CG  . MET A 1 1 ? 19.030  12.978  -0.624  1.00 32.30 ? 1 MET A CG  1 
ATOM 7   S SD  . MET A 1 1 ? 19.543  12.861  -2.312  1.00 38.78 ? 1 MET A SD  1 
ATOM 8   C CE  . MET A 1 1 ? 18.013  12.430  -3.141  1.00 30.15 ? 1 MET A CE  1 
ATOM 9   N N   . VAL A 1 2 ? 16.576  10.369  1.092   1.00 27.92 ? 2 VAL A N   1 
ATOM 10  C CA  . VAL A 1 2 ? 15.485  9.399   1.025   1.00 26.46 ? 2 VAL A CA  1 
ATOM 11  C C   . VAL A 1 2 ? 14.301  10.100  0.383   1.00 23.64 ? 2 VAL A C   1 
ATOM 12  O O   . VAL A 1 2 ? 13.637  10.940  1.022   1.00 22.10 ? 2 VAL A O   1 
ATOM 13  C CB  . VAL A 1 2 ? 15.089  8.820   2.449   1.00 29.83 ? 2 VAL A CB  1 
ATOM 14  C CG1 . VAL A 1 2 ? 14.156  7.592   2.336   1.00 31.58 ? 2 VAL A CG1 1 
ATOM 15  C CG2 . VAL A 1 2 ? 16.313  8.436   3.302   1.00 31.21 ? 2 VAL A CG2 1 
ATOM 16  N N   . GLY A 1 3 ? 14.033  9.752   -0.881  1.00 25.19 ? 3 GLY A N   1 
ATOM 17  C CA  . GLY A 1 3 ? 12.965  10.403  -1.637  1.00 22.72 ? 3 GLY A CA  1 
ATOM 18  C C   . GLY A 1 3 ? 11.869  9.478   -2.078  1.00 20.62 ? 3 GLY A C   1 
ATOM 19  O O   . GLY A 1 3 ? 12.173  8.418   -2.558  1.00 23.57 ? 3 GLY A O   1 
ATOM 20  N N   . GLY A 1 4 ? 10.600  9.888   -1.996  1.00 21.64 ? 4 GLY A N   1 
ATOM 21  C CA  . GLY A 1 4 ? 9.470   9.041   -2.484  1.00 20.77 ? 4 GLY A CA  1 
ATOM 22  C C   . GLY A 1 4 ? 8.403   9.732   -3.340  1.00 19.32 ? 4 GLY A C   1 
ATOM 23  O O   . GLY A 1 4 ? 7.826   10.709  -2.896  1.00 19.67 ? 4 GLY A O   1 
ATOM 24  N N   . VAL A 1 5 ? 8.109   9.225   -4.546  1.00 18.95 ? 5 VAL A N   1 
ATOM 25  C CA  . VAL A 1 5 ? 7.236   9.967   -5.528  1.00 19.64 ? 5 VAL A CA  1 
ATOM 26  C C   . VAL A 1 5 ? 6.066   9.183   -6.139  1.00 19.21 ? 5 VAL A C   1 
ATOM 27  O O   . VAL A 1 5 ? 6.261   8.173   -6.833  1.00 21.83 ? 5 VAL A O   1 
ATOM 28  C CB  . VAL A 1 5 ? 7.991   10.648  -6.734  1.00 18.14 ? 5 VAL A CB  1 
ATOM 29  C CG1 . VAL A 1 5 ? 8.946   11.741  -6.327  1.00 18.80 ? 5 VAL A CG1 1 
ATOM 30  C CG2 . VAL A 1 5 ? 8.720   9.670   -7.538  1.00 19.84 ? 5 VAL A CG2 1 
ATOM 31  N N   . VAL A 1 6 ? 4.850   9.671   -5.928  1.00 17.57 ? 6 VAL A N   1 
ATOM 32  C CA  . VAL A 1 6 ? 3.676   8.979   -6.477  1.00 16.39 ? 6 VAL A CA  1 
ATOM 33  C C   . VAL A 1 6 ? 2.817   9.827   -7.432  1.00 15.66 ? 6 VAL A C   1 
ATOM 34  O O   . VAL A 1 6 ? 2.259   10.896  -7.109  1.00 14.91 ? 6 VAL A O   1 
ATOM 35  C CB  . VAL A 1 6 ? 2.819   8.231   -5.363  1.00 16.68 ? 6 VAL A CB  1 
ATOM 36  C CG1 . VAL A 1 6 ? 2.214   9.211   -4.420  1.00 18.70 ? 6 VAL A CG1 1 
ATOM 37  C CG2 . VAL A 1 6 ? 1.688   7.313   -5.951  1.00 16.20 ? 6 VAL A CG2 1 
ATOM 38  N N   . ILE A 1 7 ? 2.716   9.305   -8.634  1.00 17.72 ? 7 ILE A N   1 
ATOM 39  C CA  . ILE A 1 7 ? 1.701   9.784   -9.579  1.00 22.65 ? 7 ILE A CA  1 
ATOM 40  C C   . ILE A 1 7 ? 0.594   8.745   -9.701  1.00 24.40 ? 7 ILE A C   1 
ATOM 41  O O   . ILE A 1 7 ? 0.834   7.588   -10.086 1.00 23.89 ? 7 ILE A O   1 
ATOM 42  C CB  . ILE A 1 7 ? 2.257   10.061  -10.985 1.00 21.84 ? 7 ILE A CB  1 
ATOM 43  C CG1 . ILE A 1 7 ? 3.513   10.938  -10.897 1.00 26.08 ? 7 ILE A CG1 1 
ATOM 44  C CG2 . ILE A 1 7 ? 1.161   10.685  -11.859 1.00 21.61 ? 7 ILE A CG2 1 
ATOM 45  C CD1 . ILE A 1 7 ? 3.756   11.770  -12.105 1.00 21.38 ? 7 ILE A CD1 1 
ATOM 46  N N   . ALA A 1 8 ? -0.632  9.149   -9.404  1.00 25.10 ? 8 ALA A N   1 
ATOM 47  C CA  . ALA A 1 8 ? -1.681  8.183   -9.377  1.00 22.52 ? 8 ALA A CA  1 
ATOM 48  C C   . ALA A 1 8 ? -3.039  8.816   -9.540  1.00 23.55 ? 8 ALA A C   1 
ATOM 49  O O   . ALA A 1 8 ? -3.887  8.296   -10.278 1.00 26.30 ? 8 ALA A O   1 
ATOM 50  C CB  . ALA A 1 8 ? -1.608  7.434   -8.056  1.00 26.92 ? 8 ALA A CB  1 
ATOM 51  O OXT . ALA A 1 8 ? -3.328  9.799   -8.879  1.00 21.23 ? 8 ALA A OXT 1 
ATOM 52  N N   . MET B 1 1 ? 21.329  6.288   0.318   1.00 32.14 ? 1 MET B N   1 
ATOM 53  C CA  . MET B 1 1 ? 20.159  6.825   -0.465  1.00 38.35 ? 1 MET B CA  1 
ATOM 54  C C   . MET B 1 1 ? 19.070  5.769   -0.596  1.00 41.15 ? 1 MET B C   1 
ATOM 55  O O   . MET B 1 1 ? 19.361  4.577   -0.613  1.00 45.24 ? 1 MET B O   1 
ATOM 56  C CB  . MET B 1 1 ? 20.587  7.299   -1.870  1.00 41.57 ? 1 MET B CB  1 
ATOM 57  C CG  . MET B 1 1 ? 19.519  8.070   -2.661  1.00 39.82 ? 1 MET B CG  1 
ATOM 58  S SD  . MET B 1 1 ? 19.922  8.213   -4.399  1.00 41.96 ? 1 MET B SD  1 
ATOM 59  C CE  . MET B 1 1 ? 18.336  8.765   -5.025  1.00 37.82 ? 1 MET B CE  1 
ATOM 60  N N   . VAL B 1 2 ? 17.815  6.205   -0.689  1.00 37.67 ? 2 VAL B N   1 
ATOM 61  C CA  . VAL B 1 2 ? 16.682  5.281   -0.810  1.00 34.48 ? 2 VAL B CA  1 
ATOM 62  C C   . VAL B 1 2 ? 15.598  5.913   -1.717  1.00 31.42 ? 2 VAL B C   1 
ATOM 63  O O   . VAL B 1 2 ? 14.932  6.879   -1.325  1.00 26.76 ? 2 VAL B O   1 
ATOM 64  C CB  . VAL B 1 2 ? 16.098  4.891   0.586   1.00 30.75 ? 2 VAL B CB  1 
ATOM 65  C CG1 . VAL B 1 2 ? 14.965  3.970   0.401   1.00 33.05 ? 2 VAL B CG1 1 
ATOM 66  C CG2 . VAL B 1 2 ? 17.134  4.239   1.477   1.00 26.73 ? 2 VAL B CG2 1 
ATOM 67  N N   . GLY B 1 3 ? 15.438  5.388   -2.924  1.00 24.50 ? 3 GLY B N   1 
ATOM 68  C CA  . GLY B 1 3 ? 14.566  6.058   -3.863  1.00 23.67 ? 3 GLY B CA  1 
ATOM 69  C C   . GLY B 1 3 ? 13.427  5.248   -4.436  1.00 23.26 ? 3 GLY B C   1 
ATOM 70  O O   . GLY B 1 3 ? 13.646  4.163   -4.977  1.00 24.02 ? 3 GLY B O   1 
ATOM 71  N N   . GLY B 1 4 ? 12.221  5.811   -4.345  1.00 21.13 ? 4 GLY B N   1 
ATOM 72  C CA  . GLY B 1 4 ? 11.012  5.203   -4.880  1.00 21.13 ? 4 GLY B CA  1 
ATOM 73  C C   . GLY B 1 4 ? 10.090  6.085   -5.701  1.00 17.81 ? 4 GLY B C   1 
ATOM 74  O O   . GLY B 1 4 ? 9.632   7.128   -5.248  1.00 16.44 ? 4 GLY B O   1 
ATOM 75  N N   . VAL B 1 5 ? 9.791   5.619   -6.909  1.00 20.04 ? 5 VAL B N   1 
ATOM 76  C CA  . VAL B 1 5 ? 8.808   6.252   -7.828  1.00 18.89 ? 5 VAL B CA  1 
ATOM 77  C C   . VAL B 1 5 ? 7.678   5.304   -8.313  1.00 16.75 ? 5 VAL B C   1 
ATOM 78  O O   . VAL B 1 5 ? 7.938   4.274   -8.965  1.00 15.61 ? 5 VAL B O   1 
ATOM 79  C CB  . VAL B 1 5 ? 9.475   6.980   -9.082  1.00 18.47 ? 5 VAL B CB  1 
ATOM 80  C CG1 . VAL B 1 5 ? 10.350  8.088   -8.680  1.00 20.77 ? 5 VAL B CG1 1 
ATOM 81  C CG2 . VAL B 1 5 ? 10.303  6.046   -9.926  1.00 22.72 ? 5 VAL B CG2 1 
ATOM 82  N N   . VAL B 1 6 ? 6.433   5.667   -8.024  1.00 15.42 ? 6 VAL B N   1 
ATOM 83  C CA  . VAL B 1 6 ? 5.294   4.975   -8.666  1.00 17.85 ? 6 VAL B CA  1 
ATOM 84  C C   . VAL B 1 6 ? 4.476   5.814   -9.692  1.00 18.02 ? 6 VAL B C   1 
ATOM 85  O O   . VAL B 1 6 ? 4.051   6.951   -9.386  1.00 17.15 ? 6 VAL B O   1 
ATOM 86  C CB  . VAL B 1 6 ? 4.330   4.173   -7.672  1.00 17.71 ? 6 VAL B CB  1 
ATOM 87  C CG1 . VAL B 1 6 ? 3.541   5.083   -6.780  1.00 21.07 ? 6 VAL B CG1 1 
ATOM 88  C CG2 . VAL B 1 6 ? 3.370   3.347   -8.443  1.00 16.71 ? 6 VAL B CG2 1 
ATOM 89  N N   . ILE B 1 7 ? 4.290   5.254   -10.894 1.00 17.47 ? 7 ILE B N   1 
ATOM 90  C CA  . ILE B 1 7 ? 3.205   5.722   -11.766 1.00 19.46 ? 7 ILE B CA  1 
ATOM 91  C C   . ILE B 1 7 ? 2.272   4.534   -11.945 1.00 16.63 ? 7 ILE B C   1 
ATOM 92  O O   . ILE B 1 7 ? 2.636   3.580   -12.575 1.00 19.19 ? 7 ILE B O   1 
ATOM 93  C CB  . ILE B 1 7 ? 3.663   6.298   -13.192 1.00 18.64 ? 7 ILE B CB  1 
ATOM 94  C CG1 . ILE B 1 7 ? 5.004   6.989   -13.147 1.00 19.92 ? 7 ILE B CG1 1 
ATOM 95  C CG2 . ILE B 1 7 ? 2.610   7.257   -13.802 1.00 18.29 ? 7 ILE B CG2 1 
ATOM 96  C CD1 . ILE B 1 7 ? 5.325   7.637   -14.453 1.00 21.69 ? 7 ILE B CD1 1 
ATOM 97  N N   . ALA B 1 8 ? 1.084   4.605   -11.368 1.00 18.20 ? 8 ALA B N   1 
ATOM 98  C CA  . ALA B 1 8 ? 0.070   3.551   -11.534 1.00 19.61 ? 8 ALA B CA  1 
ATOM 99  C C   . ALA B 1 8 ? -1.292  4.159   -11.338 1.00 21.05 ? 8 ALA B C   1 
ATOM 100 O O   . ALA B 1 8 ? -2.304  3.597   -11.676 1.00 23.52 ? 8 ALA B O   1 
ATOM 101 C CB  . ALA B 1 8 ? 0.287   2.490   -10.575 1.00 22.62 ? 8 ALA B CB  1 
ATOM 102 O OXT . ALA B 1 8 ? -1.437  5.260   -10.850 1.00 23.75 ? 8 ALA B OXT 1 
ATOM 103 N N   . MET C 1 1 ? 23.381  3.966   10.155  1.00 37.92 ? 1 MET C N   1 
ATOM 104 C CA  . MET C 1 1 ? 22.353  4.599   9.271   1.00 38.40 ? 1 MET C CA  1 
ATOM 105 C C   . MET C 1 1 ? 21.304  3.533   9.037   1.00 37.97 ? 1 MET C C   1 
ATOM 106 O O   . MET C 1 1 ? 21.624  2.349   9.023   1.00 42.46 ? 1 MET C O   1 
ATOM 107 C CB  . MET C 1 1 ? 22.960  5.064   7.935   1.00 40.35 ? 1 MET C CB  1 
ATOM 108 C CG  . MET C 1 1 ? 22.427  6.397   7.333   1.00 36.02 ? 1 MET C CG  1 
ATOM 109 S SD  . MET C 1 1 ? 23.046  6.488   5.638   1.00 35.62 ? 1 MET C SD  1 
ATOM 110 C CE  . MET C 1 1 ? 22.526  8.123   5.174   1.00 32.09 ? 1 MET C CE  1 
ATOM 111 N N   . VAL C 1 2 ? 20.055  3.962   8.865   1.00 36.16 ? 2 VAL C N   1 
ATOM 112 C CA  . VAL C 1 2 ? 18.866  3.093   8.933   1.00 32.74 ? 2 VAL C CA  1 
ATOM 113 C C   . VAL C 1 2 ? 17.694  3.799   8.165   1.00 31.51 ? 2 VAL C C   1 
ATOM 114 O O   . VAL C 1 2 ? 17.178  4.831   8.605   1.00 28.88 ? 2 VAL C O   1 
ATOM 115 C CB  . VAL C 1 2 ? 18.517  2.768   10.465  1.00 31.18 ? 2 VAL C CB  1 
ATOM 116 C CG1 . VAL C 1 2 ? 17.378  1.837   10.601  1.00 31.72 ? 2 VAL C CG1 1 
ATOM 117 C CG2 . VAL C 1 2 ? 19.724  2.212   11.240  1.00 30.65 ? 2 VAL C CG2 1 
ATOM 118 N N   . GLY C 1 3 ? 17.278  3.270   7.010   1.00 34.67 ? 3 GLY C N   1 
ATOM 119 C CA  . GLY C 1 3 ? 16.268  3.983   6.198   1.00 28.77 ? 3 GLY C CA  1 
ATOM 120 C C   . GLY C 1 3 ? 15.268  3.135   5.464   1.00 25.59 ? 3 GLY C C   1 
ATOM 121 O O   . GLY C 1 3 ? 15.641  2.105   4.911   1.00 28.91 ? 3 GLY C O   1 
ATOM 122 N N   . GLY C 1 4 ? 14.003  3.574   5.434   1.00 26.40 ? 4 GLY C N   1 
ATOM 123 C CA  . GLY C 1 4 ? 12.896  2.811   4.793   1.00 24.50 ? 4 GLY C CA  1 
ATOM 124 C C   . GLY C 1 4 ? 11.871  3.634   4.001   1.00 23.15 ? 4 GLY C C   1 
ATOM 125 O O   . GLY C 1 4 ? 11.369  4.653   4.496   1.00 22.05 ? 4 GLY C O   1 
ATOM 126 N N   . VAL C 1 5 ? 11.553  3.206   2.777   1.00 22.43 ? 5 VAL C N   1 
ATOM 127 C CA  . VAL C 1 5 ? 10.579  3.938   1.921   1.00 22.06 ? 5 VAL C CA  1 
ATOM 128 C C   . VAL C 1 5 ? 9.445   3.068   1.417   1.00 18.89 ? 5 VAL C C   1 
ATOM 129 O O   . VAL C 1 5 ? 9.658   2.002   0.814   1.00 19.74 ? 5 VAL C O   1 
ATOM 130 C CB  . VAL C 1 5 ? 11.175  4.710   0.674   1.00 22.37 ? 5 VAL C CB  1 
ATOM 131 C CG1 . VAL C 1 5 ? 12.197  5.781   1.033   1.00 23.59 ? 5 VAL C CG1 1 
ATOM 132 C CG2 . VAL C 1 5 ? 11.729  3.777   -0.363  1.00 28.62 ? 5 VAL C CG2 1 
ATOM 133 N N   . VAL C 1 6 ? 8.227   3.535   1.626   1.00 16.51 ? 6 VAL C N   1 
ATOM 134 C CA  . VAL C 1 6 ? 7.084   2.835   1.035   1.00 15.54 ? 6 VAL C CA  1 
ATOM 135 C C   . VAL C 1 6 ? 6.238   3.691   0.064   1.00 14.97 ? 6 VAL C C   1 
ATOM 136 O O   . VAL C 1 6 ? 5.657   4.752   0.407   1.00 14.45 ? 6 VAL C O   1 
ATOM 137 C CB  . VAL C 1 6 ? 6.222   2.092   2.084   1.00 14.54 ? 6 VAL C CB  1 
ATOM 138 C CG1 . VAL C 1 6 ? 5.726   3.026   3.105   1.00 16.62 ? 6 VAL C CG1 1 
ATOM 139 C CG2 . VAL C 1 6 ? 4.995   1.417   1.447   1.00 14.56 ? 6 VAL C CG2 1 
ATOM 140 N N   . ILE C 1 7 ? 6.180   3.220   -1.171  1.00 16.78 ? 7 ILE C N   1 
ATOM 141 C CA  . ILE C 1 7 ? 5.088   3.639   -2.057  1.00 20.86 ? 7 ILE C CA  1 
ATOM 142 C C   . ILE C 1 7 ? 4.108   2.480   -2.127  1.00 21.54 ? 7 ILE C C   1 
ATOM 143 O O   . ILE C 1 7 ? 4.445   1.398   -2.603  1.00 23.69 ? 7 ILE C O   1 
ATOM 144 C CB  . ILE C 1 7 ? 5.531   4.064   -3.491  1.00 18.96 ? 7 ILE C CB  1 
ATOM 145 C CG1 . ILE C 1 7 ? 6.819   4.885   -3.448  1.00 20.87 ? 7 ILE C CG1 1 
ATOM 146 C CG2 . ILE C 1 7 ? 4.417   4.846   -4.170  1.00 18.38 ? 7 ILE C CG2 1 
ATOM 147 C CD1 . ILE C 1 7 ? 6.965   5.778   -4.627  1.00 19.00 ? 7 ILE C CD1 1 
ATOM 148 N N   . ALA C 1 8 ? 2.897   2.700   -1.630  1.00 23.67 ? 8 ALA C N   1 
ATOM 149 C CA  . ALA C 1 8 ? 1.869   1.687   -1.730  1.00 21.80 ? 8 ALA C CA  1 
ATOM 150 C C   . ALA C 1 8 ? 0.498   2.292   -1.543  1.00 23.72 ? 8 ALA C C   1 
ATOM 151 O O   . ALA C 1 8 ? -0.467  1.596   -1.902  1.00 26.97 ? 8 ALA C O   1 
ATOM 152 C CB  . ALA C 1 8 ? 2.099   0.590   -0.734  1.00 25.06 ? 8 ALA C CB  1 
ATOM 153 O OXT . ALA C 1 8 ? 0.308   3.416   -1.064  1.00 20.81 ? 8 ALA C OXT 1 
ATOM 154 N N   . MET D 1 1 ? 24.786  0.845   6.604   1.00 33.58 ? 1 MET D N   1 
ATOM 155 C CA  . MET D 1 1 ? 23.601  1.318   5.852   1.00 28.96 ? 1 MET D CA  1 
ATOM 156 C C   . MET D 1 1 ? 22.641  0.172   5.820   1.00 28.93 ? 1 MET D C   1 
ATOM 157 O O   . MET D 1 1 ? 23.006  -0.907  5.368   1.00 27.87 ? 1 MET D O   1 
ATOM 158 C CB  . MET D 1 1 ? 24.017  1.653   4.439   1.00 31.88 ? 1 MET D CB  1 
ATOM 159 C CG  . MET D 1 1 ? 22.926  2.147   3.567   1.00 30.38 ? 1 MET D CG  1 
ATOM 160 S SD  . MET D 1 1 ? 23.590  2.589   1.956   1.00 31.45 ? 1 MET D SD  1 
ATOM 161 C CE  . MET D 1 1 ? 22.087  2.995   1.106   1.00 29.86 ? 1 MET D CE  1 
ATOM 162 N N   . VAL D 1 2 ? 21.437  0.385   6.340   1.00 27.19 ? 2 VAL D N   1 
ATOM 163 C CA  . VAL D 1 2 ? 20.357  -0.607  6.253   1.00 27.57 ? 2 VAL D CA  1 
ATOM 164 C C   . VAL D 1 2 ? 19.189  0.055   5.487   1.00 23.03 ? 2 VAL D C   1 
ATOM 165 O O   . VAL D 1 2 ? 18.500  0.938   6.030   1.00 20.33 ? 2 VAL D O   1 
ATOM 166 C CB  . VAL D 1 2 ? 19.904  -1.199  7.659   1.00 27.31 ? 2 VAL D CB  1 
ATOM 167 C CG1 . VAL D 1 2 ? 18.776  -2.164  7.461   1.00 29.29 ? 2 VAL D CG1 1 
ATOM 168 C CG2 . VAL D 1 2 ? 21.040  -1.934  8.394   1.00 27.96 ? 2 VAL D CG2 1 
ATOM 169 N N   . GLY D 1 3 ? 18.987  -0.361  4.232   1.00 19.38 ? 3 GLY D N   1 
ATOM 170 C CA  . GLY D 1 3 ? 18.049  0.313   3.343   1.00 18.64 ? 3 GLY D CA  1 
ATOM 171 C C   . GLY D 1 3 ? 16.879  -0.504  2.831   1.00 19.33 ? 3 GLY D C   1 
ATOM 172 O O   . GLY D 1 3 ? 17.065  -1.592  2.317   1.00 20.60 ? 3 GLY D O   1 
ATOM 173 N N   . GLY D 1 4 ? 15.674  0.046   2.920   1.00 19.23 ? 4 GLY D N   1 
ATOM 174 C CA  . GLY D 1 4 ? 14.502  -0.678  2.495   1.00 19.29 ? 4 GLY D CA  1 
ATOM 175 C C   . GLY D 1 4 ? 13.529  0.091   1.651   1.00 16.41 ? 4 GLY D C   1 
ATOM 176 O O   . GLY D 1 4 ? 13.014  1.102   2.090   1.00 15.62 ? 4 GLY D O   1 
ATOM 177 N N   . VAL D 1 5 ? 13.240  -0.440  0.461   1.00 17.87 ? 5 VAL D N   1 
ATOM 178 C CA  . VAL D 1 5 ? 12.319  0.192   -0.535  1.00 18.45 ? 5 VAL D CA  1 
ATOM 179 C C   . VAL D 1 5 ? 11.163  -0.689  -1.108  1.00 18.62 ? 5 VAL D C   1 
ATOM 180 O O   . VAL D 1 5 ? 11.422  -1.642  -1.857  1.00 18.44 ? 5 VAL D O   1 
ATOM 181 C CB  . VAL D 1 5 ? 13.088  0.836   -1.749  1.00 16.78 ? 5 VAL D CB  1 
ATOM 182 C CG1 . VAL D 1 5 ? 13.976  1.914   -1.315  1.00 19.35 ? 5 VAL D CG1 1 
ATOM 183 C CG2 . VAL D 1 5 ? 13.921  -0.153  -2.477  1.00 17.73 ? 5 VAL D CG2 1 
ATOM 184 N N   . VAL D 1 6 ? 9.909   -0.352  -0.789  1.00 17.49 ? 6 VAL D N   1 
ATOM 185 C CA  . VAL D 1 6 ? 8.740   -1.011  -1.447  1.00 20.07 ? 6 VAL D CA  1 
ATOM 186 C C   . VAL D 1 6 ? 7.944   -0.141  -2.463  1.00 19.28 ? 6 VAL D C   1 
ATOM 187 O O   . VAL D 1 6 ? 7.595   1.013   -2.188  1.00 17.83 ? 6 VAL D O   1 
ATOM 188 C CB  . VAL D 1 6 ? 7.734   -1.818  -0.448  1.00 19.98 ? 6 VAL D CB  1 
ATOM 189 C CG1 . VAL D 1 6 ? 6.719   -0.913  0.203   1.00 22.38 ? 6 VAL D CG1 1 
ATOM 190 C CG2 . VAL D 1 6 ? 6.982   -2.906  -1.162  1.00 17.41 ? 6 VAL D CG2 1 
ATOM 191 N N   . ILE D 1 7 ? 7.691   -0.719  -3.631  1.00 19.21 ? 7 ILE D N   1 
ATOM 192 C CA  . ILE D 1 7 ? 6.616   -0.226  -4.506  1.00 21.86 ? 7 ILE D CA  1 
ATOM 193 C C   . ILE D 1 7 ? 5.603   -1.353  -4.724  1.00 20.05 ? 7 ILE D C   1 
ATOM 194 O O   . ILE D 1 7 ? 5.948   -2.407  -5.230  1.00 19.83 ? 7 ILE D O   1 
ATOM 195 C CB  . ILE D 1 7 ? 7.090   0.245   -5.927  1.00 21.43 ? 7 ILE D CB  1 
ATOM 196 C CG1 . ILE D 1 7 ? 8.465   0.872   -5.894  1.00 21.93 ? 7 ILE D CG1 1 
ATOM 197 C CG2 . ILE D 1 7 ? 6.052   1.171   -6.571  1.00 21.52 ? 7 ILE D CG2 1 
ATOM 198 C CD1 . ILE D 1 7 ? 8.847   1.531   -7.210  1.00 20.57 ? 7 ILE D CD1 1 
ATOM 199 N N   . ALA D 1 8 ? 4.355   -1.102  -4.369  1.00 21.13 ? 8 ALA D N   1 
ATOM 200 C CA  . ALA D 1 8 ? 3.316   -2.094  -4.547  1.00 25.30 ? 8 ALA D CA  1 
ATOM 201 C C   . ALA D 1 8 ? 1.987   -1.394  -4.622  1.00 25.01 ? 8 ALA D C   1 
ATOM 202 O O   . ALA D 1 8 ? 0.967   -1.967  -5.004  1.00 25.63 ? 8 ALA D O   1 
ATOM 203 C CB  . ALA D 1 8 ? 3.328   -3.066  -3.382  1.00 27.03 ? 8 ALA D CB  1 
ATOM 204 O OXT . ALA D 1 8 ? 1.929   -0.225  -4.276  1.00 25.81 ? 8 ALA D OXT 1 
ATOM 205 N N   . MET E 1 1 ? -1.320  -1.350  -3.624  1.00 30.24 ? 1 MET E N   1 
ATOM 206 C CA  . MET E 1 1 ? -1.557  -2.399  -2.568  1.00 27.38 ? 1 MET E CA  1 
ATOM 207 C C   . MET E 1 1 ? -3.004  -2.398  -2.135  1.00 24.15 ? 1 MET E C   1 
ATOM 208 O O   . MET E 1 1 ? -3.529  -1.386  -1.710  1.00 22.21 ? 1 MET E O   1 
ATOM 209 C CB  . MET E 1 1 ? -0.656  -2.222  -1.341  1.00 28.50 ? 1 MET E CB  1 
ATOM 210 C CG  . MET E 1 1 ? -0.360  -3.535  -0.608  1.00 29.74 ? 1 MET E CG  1 
ATOM 211 S SD  . MET E 1 1 ? -0.232  -3.327  1.156   1.00 32.71 ? 1 MET E SD  1 
ATOM 212 C CE  . MET E 1 1 ? 0.799   -4.692  1.587   1.00 33.74 ? 1 MET E CE  1 
ATOM 213 N N   . VAL E 1 2 ? -3.632  -3.556  -2.282  1.00 25.57 ? 2 VAL E N   1 
ATOM 214 C CA  . VAL E 1 2 ? -4.997  -3.839  -1.826  1.00 24.05 ? 2 VAL E CA  1 
ATOM 215 C C   . VAL E 1 2 ? -4.943  -5.152  -0.967  1.00 20.17 ? 2 VAL E C   1 
ATOM 216 O O   . VAL E 1 2 ? -4.323  -6.127  -1.370  1.00 20.79 ? 2 VAL E O   1 
ATOM 217 C CB  . VAL E 1 2 ? -6.019  -3.962  -3.022  1.00 25.02 ? 2 VAL E CB  1 
ATOM 218 C CG1 . VAL E 1 2 ? -7.420  -3.753  -2.526  1.00 27.87 ? 2 VAL E CG1 1 
ATOM 219 C CG2 . VAL E 1 2 ? -5.712  -3.017  -4.214  1.00 25.02 ? 2 VAL E CG2 1 
ATOM 220 N N   . GLY E 1 3 ? -5.552  -5.124  0.215   1.00 18.61 ? 3 GLY E N   1 
ATOM 221 C CA  . GLY E 1 3 ? -5.516  -6.222  1.200   1.00 19.85 ? 3 GLY E CA  1 
ATOM 222 C C   . GLY E 1 3 ? -6.879  -6.561  1.799   1.00 18.42 ? 3 GLY E C   1 
ATOM 223 O O   . GLY E 1 3 ? -7.787  -5.725  1.912   1.00 20.57 ? 3 GLY E O   1 
ATOM 224 N N   . GLY E 1 4 ? -7.028  -7.810  2.207   1.00 18.76 ? 4 GLY E N   1 
ATOM 225 C CA  . GLY E 1 4 ? -8.344  -8.332  2.613   1.00 17.15 ? 4 GLY E CA  1 
ATOM 226 C C   . GLY E 1 4 ? -8.166  -9.631  3.344   1.00 14.34 ? 4 GLY E C   1 
ATOM 227 O O   . GLY E 1 4 ? -7.725  -10.614 2.767   1.00 14.27 ? 4 GLY E O   1 
ATOM 228 N N   . VAL E 1 5 ? -8.502  -9.600  4.623   1.00 16.80 ? 5 VAL E N   1 
ATOM 229 C CA  . VAL E 1 5 ? -8.486  -10.784 5.513   1.00 14.19 ? 5 VAL E CA  1 
ATOM 230 C C   . VAL E 1 5 ? -9.846  -10.991 6.143   1.00 12.67 ? 5 VAL E C   1 
ATOM 231 O O   . VAL E 1 5 ? -10.526 -10.052 6.525   1.00 12.72 ? 5 VAL E O   1 
ATOM 232 C CB  . VAL E 1 5 ? -7.287  -10.711 6.577   1.00 12.68 ? 5 VAL E CB  1 
ATOM 233 C CG1 . VAL E 1 5 ? -6.080  -10.042 5.998   1.00 12.63 ? 5 VAL E CG1 1 
ATOM 234 C CG2 . VAL E 1 5 ? -7.636  -10.036 7.921   1.00 14.69 ? 5 VAL E CG2 1 
ATOM 235 N N   . VAL E 1 6 ? -10.268 -12.234 6.253   1.00 14.35 ? 6 VAL E N   1 
ATOM 236 C CA  . VAL E 1 6 ? -11.484 -12.581 6.985   1.00 13.70 ? 6 VAL E CA  1 
ATOM 237 C C   . VAL E 1 6 ? -11.294 -13.909 7.758   1.00 13.53 ? 6 VAL E C   1 
ATOM 238 O O   . VAL E 1 6 ? -10.632 -14.835 7.289   1.00 11.53 ? 6 VAL E O   1 
ATOM 239 C CB  . VAL E 1 6 ? -12.725 -12.565 6.062   1.00 13.42 ? 6 VAL E CB  1 
ATOM 240 C CG1 . VAL E 1 6 ? -12.447 -13.302 4.807   1.00 16.72 ? 6 VAL E CG1 1 
ATOM 241 C CG2 . VAL E 1 6 ? -13.968 -13.180 6.718   1.00 13.02 ? 6 VAL E CG2 1 
ATOM 242 N N   . ILE E 1 7 ? -11.839 -13.934 8.966   1.00 15.91 ? 7 ILE E N   1 
ATOM 243 C CA  . ILE E 1 7 ? -11.801 -15.096 9.877   1.00 17.55 ? 7 ILE E CA  1 
ATOM 244 C C   . ILE E 1 7 ? -13.212 -15.259 10.395  1.00 16.65 ? 7 ILE E C   1 
ATOM 245 O O   . ILE E 1 7 ? -13.860 -14.274 10.753  1.00 19.11 ? 7 ILE E O   1 
ATOM 246 C CB  . ILE E 1 7 ? -10.800 -14.821 11.032  1.00 20.05 ? 7 ILE E CB  1 
ATOM 247 C CG1 . ILE E 1 7 ? -9.382  -14.633 10.476  1.00 21.66 ? 7 ILE E CG1 1 
ATOM 248 C CG2 . ILE E 1 7 ? -10.843 -15.888 12.045  1.00 21.42 ? 7 ILE E CG2 1 
ATOM 249 C CD1 . ILE E 1 7 ? -8.390  -14.189 11.503  1.00 27.67 ? 7 ILE E CD1 1 
ATOM 250 N N   . ALA E 1 8 ? -13.717 -16.468 10.447  1.00 19.26 ? 8 ALA E N   1 
ATOM 251 C CA  . ALA E 1 8 ? -15.172 -16.617 10.539  1.00 22.80 ? 8 ALA E CA  1 
ATOM 252 C C   . ALA E 1 8 ? -15.653 -17.974 11.002  1.00 26.75 ? 8 ALA E C   1 
ATOM 253 O O   . ALA E 1 8 ? -16.753 -18.110 11.559  1.00 28.51 ? 8 ALA E O   1 
ATOM 254 C CB  . ALA E 1 8 ? -15.812 -16.301 9.183   1.00 23.37 ? 8 ALA E CB  1 
ATOM 255 O OXT . ALA E 1 8 ? -14.977 -18.976 10.783  1.00 30.39 ? 8 ALA E OXT 1 
ATOM 256 N N   . MET F 1 1 ? -2.808  2.772   -0.549  1.00 34.29 ? 1 MET F N   1 
ATOM 257 C CA  . MET F 1 1 ? -2.999  1.612   0.372   1.00 33.68 ? 1 MET F CA  1 
ATOM 258 C C   . MET F 1 1 ? -4.507  1.439   0.573   1.00 32.11 ? 1 MET F C   1 
ATOM 259 O O   . MET F 1 1 ? -5.178  2.359   1.019   1.00 31.05 ? 1 MET F O   1 
ATOM 260 C CB  . MET F 1 1 ? -2.335  1.958   1.711   1.00 36.13 ? 1 MET F CB  1 
ATOM 261 C CG  . MET F 1 1 ? -1.545  0.891   2.387   1.00 37.15 ? 1 MET F CG  1 
ATOM 262 S SD  . MET F 1 1 ? -0.615  1.627   3.736   1.00 40.10 ? 1 MET F SD  1 
ATOM 263 C CE  . MET F 1 1 ? -1.148  0.601   5.039   1.00 32.12 ? 1 MET F CE  1 
ATOM 264 N N   . VAL F 1 2 ? -5.073  0.300   0.228   1.00 27.43 ? 2 VAL F N   1 
ATOM 265 C CA  . VAL F 1 2 ? -6.454  0.062   0.650   1.00 30.52 ? 2 VAL F CA  1 
ATOM 266 C C   . VAL F 1 2 ? -6.512  -1.301  1.268   1.00 28.88 ? 2 VAL F C   1 
ATOM 267 O O   . VAL F 1 2 ? -5.995  -2.271  0.707   1.00 27.43 ? 2 VAL F O   1 
ATOM 268 C CB  . VAL F 1 2 ? -7.537  0.132   -0.472  1.00 34.18 ? 2 VAL F CB  1 
ATOM 269 C CG1 . VAL F 1 2 ? -8.928  0.349   0.160   1.00 34.13 ? 2 VAL F CG1 1 
ATOM 270 C CG2 . VAL F 1 2 ? -7.223  1.200   -1.577  1.00 35.47 ? 2 VAL F CG2 1 
ATOM 271 N N   . GLY F 1 3 ? -7.135  -1.390  2.432   1.00 26.87 ? 3 GLY F N   1 
ATOM 272 C CA  . GLY F 1 3 ? -7.225  -2.686  3.057   1.00 26.04 ? 3 GLY F CA  1 
ATOM 273 C C   . GLY F 1 3 ? -8.536  -2.885  3.744   1.00 27.27 ? 3 GLY F C   1 
ATOM 274 O O   . GLY F 1 3 ? -9.421  -2.032  3.688   1.00 26.38 ? 3 GLY F O   1 
ATOM 275 N N   . GLY F 1 4 ? -8.658  -4.029  4.402   1.00 24.53 ? 4 GLY F N   1 
ATOM 276 C CA  . GLY F 1 4 ? -9.732  -4.202  5.324   1.00 26.03 ? 4 GLY F CA  1 
ATOM 277 C C   . GLY F 1 4 ? -9.675  -5.565  5.938   1.00 25.48 ? 4 GLY F C   1 
ATOM 278 O O   . GLY F 1 4 ? -9.163  -6.517  5.316   1.00 24.04 ? 4 GLY F O   1 
ATOM 279 N N   . VAL F 1 5 ? -10.194 -5.654  7.166   1.00 23.22 ? 5 VAL F N   1 
ATOM 280 C CA  . VAL F 1 5 ? -10.249 -6.925  7.875   1.00 22.23 ? 5 VAL F CA  1 
ATOM 281 C C   . VAL F 1 5 ? -11.594 -7.270  8.549   1.00 19.82 ? 5 VAL F C   1 
ATOM 282 O O   . VAL F 1 5 ? -12.343 -6.410  8.957   1.00 19.43 ? 5 VAL F O   1 
ATOM 283 C CB  . VAL F 1 5 ? -9.127  -7.034  8.859   1.00 20.76 ? 5 VAL F CB  1 
ATOM 284 C CG1 . VAL F 1 5 ? -7.846  -6.767  8.185   1.00 21.02 ? 5 VAL F CG1 1 
ATOM 285 C CG2 . VAL F 1 5 ? -9.310  -6.068  9.993   1.00 26.16 ? 5 VAL F CG2 1 
ATOM 286 N N   . VAL F 1 6 ? -11.883 -8.547  8.661   1.00 17.60 ? 6 VAL F N   1 
ATOM 287 C CA  . VAL F 1 6 ? -13.056 -8.949  9.384   1.00 20.15 ? 6 VAL F CA  1 
ATOM 288 C C   . VAL F 1 6 ? -12.748 -10.230 10.200  1.00 20.71 ? 6 VAL F C   1 
ATOM 289 O O   . VAL F 1 6 ? -12.046 -11.172 9.746   1.00 18.81 ? 6 VAL F O   1 
ATOM 290 C CB  . VAL F 1 6 ? -14.355 -9.087  8.455   1.00 20.48 ? 6 VAL F CB  1 
ATOM 291 C CG1 . VAL F 1 6 ? -14.306 -10.322 7.567   1.00 24.69 ? 6 VAL F CG1 1 
ATOM 292 C CG2 . VAL F 1 6 ? -15.642 -9.122  9.246   1.00 19.91 ? 6 VAL F CG2 1 
ATOM 293 N N   . ILE F 1 7 ? -13.263 -10.192 11.427  1.00 19.38 ? 7 ILE F N   1 
ATOM 294 C CA  . ILE F 1 7 ? -13.333 -11.324 12.342  1.00 19.68 ? 7 ILE F CA  1 
ATOM 295 C C   . ILE F 1 7 ? -14.833 -11.526 12.539  1.00 21.29 ? 7 ILE F C   1 
ATOM 296 O O   . ILE F 1 7 ? -15.450 -10.934 13.465  1.00 24.63 ? 7 ILE F O   1 
ATOM 297 C CB  . ILE F 1 7 ? -12.664 -10.996 13.666  1.00 16.41 ? 7 ILE F CB  1 
ATOM 298 C CG1 . ILE F 1 7 ? -11.182 -10.718 13.462  1.00 18.65 ? 7 ILE F CG1 1 
ATOM 299 C CG2 . ILE F 1 7 ? -12.799 -12.137 14.619  1.00 16.60 ? 7 ILE F CG2 1 
ATOM 300 C CD1 . ILE F 1 7 ? -10.627 -9.895  14.583  1.00 19.63 ? 7 ILE F CD1 1 
ATOM 301 N N   . ALA F 1 8 ? -15.419 -12.343 11.663  1.00 21.48 ? 8 ALA F N   1 
ATOM 302 C CA  . ALA F 1 8 ? -16.856 -12.339 11.502  1.00 21.59 ? 8 ALA F CA  1 
ATOM 303 C C   . ALA F 1 8 ? -17.531 -13.600 11.981  1.00 24.52 ? 8 ALA F C   1 
ATOM 304 O O   . ALA F 1 8 ? -18.579 -13.524 12.632  1.00 24.17 ? 8 ALA F O   1 
ATOM 305 C CB  . ALA F 1 8 ? -17.206 -12.047 10.042  1.00 26.21 ? 8 ALA F CB  1 
ATOM 306 O OXT . ALA F 1 8 ? -17.073 -14.728 11.712  1.00 26.20 ? 8 ALA F OXT 1 
ATOM 307 N N   . MET G 1 1 ? -4.442  4.478   -10.487 1.00 29.93 ? 1 MET G N   1 
ATOM 308 C CA  . MET G 1 1 ? -4.798  3.388   -9.529  1.00 26.06 ? 1 MET G CA  1 
ATOM 309 C C   . MET G 1 1 ? -6.276  3.442   -9.177  1.00 25.16 ? 1 MET G C   1 
ATOM 310 O O   . MET G 1 1 ? -6.750  4.368   -8.515  1.00 23.39 ? 1 MET G O   1 
ATOM 311 C CB  . MET G 1 1 ? -3.969  3.539   -8.257  1.00 28.41 ? 1 MET G CB  1 
ATOM 312 C CG  . MET G 1 1 ? -3.957  2.343   -7.386  1.00 25.06 ? 1 MET G CG  1 
ATOM 313 S SD  . MET G 1 1 ? -3.592  2.924   -5.746  1.00 30.23 ? 1 MET G SD  1 
ATOM 314 C CE  . MET G 1 1 ? -3.600  1.378   -4.882  1.00 31.07 ? 1 MET G CE  1 
ATOM 315 N N   . VAL G 1 2 ? -7.003  2.438   -9.621  1.00 26.16 ? 2 VAL G N   1 
ATOM 316 C CA  . VAL G 1 2 ? -8.393  2.241   -9.224  1.00 27.27 ? 2 VAL G CA  1 
ATOM 317 C C   . VAL G 1 2 ? -8.379  0.945   -8.399  1.00 22.70 ? 2 VAL G C   1 
ATOM 318 O O   . VAL G 1 2 ? -7.771  -0.046  -8.799  1.00 20.97 ? 2 VAL G O   1 
ATOM 319 C CB  . VAL G 1 2 ? -9.368  2.146   -10.470 1.00 32.84 ? 2 VAL G CB  1 
ATOM 320 C CG1 . VAL G 1 2 ? -10.833 2.184   -10.027 1.00 40.43 ? 2 VAL G CG1 1 
ATOM 321 C CG2 . VAL G 1 2 ? -9.082  3.216   -11.572 1.00 31.08 ? 2 VAL G CG2 1 
ATOM 322 N N   . GLY G 1 3 ? -8.977  0.981   -7.218  1.00 20.65 ? 3 GLY G N   1 
ATOM 323 C CA  . GLY G 1 3 ? -8.946  -0.155  -6.341  1.00 19.75 ? 3 GLY G CA  1 
ATOM 324 C C   . GLY G 1 3 ? -10.346 -0.531  -5.961  1.00 21.96 ? 3 GLY G C   1 
ATOM 325 O O   . GLY G 1 3 ? -11.294 0.248   -6.144  1.00 21.18 ? 3 GLY G O   1 
ATOM 326 N N   . GLY G 1 4 ? -10.470 -1.740  -5.410  1.00 23.52 ? 4 GLY G N   1 
ATOM 327 C CA  . GLY G 1 4 ? -11.777 -2.337  -5.084  1.00 20.95 ? 4 GLY G CA  1 
ATOM 328 C C   . GLY G 1 4 ? -11.595 -3.593  -4.255  1.00 19.20 ? 4 GLY G C   1 
ATOM 329 O O   . GLY G 1 4 ? -11.109 -4.607  -4.770  1.00 18.16 ? 4 GLY G O   1 
ATOM 330 N N   . VAL G 1 5 ? -11.978 -3.510  -2.975  1.00 20.30 ? 5 VAL G N   1 
ATOM 331 C CA  . VAL G 1 5 ? -11.929 -4.647  -1.988  1.00 18.46 ? 5 VAL G CA  1 
ATOM 332 C C   . VAL G 1 5 ? -13.238 -4.949  -1.226  1.00 16.66 ? 5 VAL G C   1 
ATOM 333 O O   . VAL G 1 5 ? -13.912 -4.066  -0.693  1.00 15.33 ? 5 VAL G O   1 
ATOM 334 C CB  . VAL G 1 5 ? -10.714 -4.544  -0.954  1.00 16.34 ? 5 VAL G CB  1 
ATOM 335 C CG1 . VAL G 1 5 ? -9.510  -3.967  -1.572  1.00 16.01 ? 5 VAL G CG1 1 
ATOM 336 C CG2 . VAL G 1 5 ? -11.061 -3.802  0.332   1.00 20.17 ? 5 VAL G CG2 1 
ATOM 337 N N   . VAL G 1 6 ? -13.596 -6.213  -1.136  1.00 18.19 ? 6 VAL G N   1 
ATOM 338 C CA  . VAL G 1 6 ? -14.758 -6.555  -0.364  1.00 17.27 ? 6 VAL G CA  1 
ATOM 339 C C   . VAL G 1 6 ? -14.590 -7.915  0.347   1.00 17.65 ? 6 VAL G C   1 
ATOM 340 O O   . VAL G 1 6 ? -13.966 -8.863  -0.148  1.00 14.54 ? 6 VAL G O   1 
ATOM 341 C CB  . VAL G 1 6 ? -16.065 -6.415  -1.195  1.00 18.04 ? 6 VAL G CB  1 
ATOM 342 C CG1 . VAL G 1 6 ? -15.989 -7.197  -2.440  1.00 20.84 ? 6 VAL G CG1 1 
ATOM 343 C CG2 . VAL G 1 6 ? -17.301 -6.840  -0.416  1.00 18.90 ? 6 VAL G CG2 1 
ATOM 344 N N   . ILE G 1 7 ? -15.155 -7.935  1.539   1.00 18.32 ? 7 ILE G N   1 
ATOM 345 C CA  . ILE G 1 7 ? -15.145 -9.065  2.450   1.00 18.79 ? 7 ILE G CA  1 
ATOM 346 C C   . ILE G 1 7 ? -16.618 -9.295  2.738   1.00 18.43 ? 7 ILE G C   1 
ATOM 347 O O   . ILE G 1 7 ? -17.203 -8.659  3.621   1.00 19.47 ? 7 ILE G O   1 
ATOM 348 C CB  . ILE G 1 7 ? -14.341 -8.685  3.751   1.00 17.86 ? 7 ILE G CB  1 
ATOM 349 C CG1 . ILE G 1 7 ? -12.907 -8.301  3.413   1.00 19.42 ? 7 ILE G CG1 1 
ATOM 350 C CG2 . ILE G 1 7 ? -14.287 -9.834  4.715   1.00 19.77 ? 7 ILE G CG2 1 
ATOM 351 C CD1 . ILE G 1 7 ? -12.266 -7.473  4.459   1.00 26.89 ? 7 ILE G CD1 1 
ATOM 352 N N   . ALA G 1 8 ? -17.256 -10.140 1.961   1.00 20.80 ? 8 ALA G N   1 
ATOM 353 C CA  . ALA G 1 8 ? -18.714 -10.107 1.962   1.00 24.19 ? 8 ALA G CA  1 
ATOM 354 C C   . ALA G 1 8 ? -19.364 -11.419 2.286   1.00 27.74 ? 8 ALA G C   1 
ATOM 355 O O   . ALA G 1 8 ? -20.513 -11.376 2.731   1.00 26.86 ? 8 ALA G O   1 
ATOM 356 C CB  . ALA G 1 8 ? -19.251 -9.557  0.619   1.00 30.55 ? 8 ALA G CB  1 
ATOM 357 O OXT . ALA G 1 8 ? -18.803 -12.526 2.097   1.00 27.81 ? 8 ALA G OXT 1 
ATOM 358 N N   . MET H 1 1 ? -6.583  8.953   -8.443  1.00 30.28 ? 1 MET H N   1 
ATOM 359 C CA  . MET H 1 1 ? -6.801  7.833   -7.487  1.00 29.52 ? 1 MET H CA  1 
ATOM 360 C C   . MET H 1 1 ? -8.282  7.678   -7.209  1.00 27.13 ? 1 MET H C   1 
ATOM 361 O O   . MET H 1 1 ? -8.980  8.669   -7.017  1.00 27.70 ? 1 MET H O   1 
ATOM 362 C CB  . MET H 1 1 ? -6.070  8.119   -6.187  1.00 31.36 ? 1 MET H CB  1 
ATOM 363 C CG  . MET H 1 1 ? -5.676  6.906   -5.350  1.00 34.96 ? 1 MET H CG  1 
ATOM 364 S SD  . MET H 1 1 ? -4.239  7.421   -4.384  1.00 43.39 ? 1 MET H SD  1 
ATOM 365 C CE  . MET H 1 1 ? -4.501  6.748   -2.730  1.00 35.98 ? 1 MET H CE  1 
ATOM 366 N N   . VAL H 1 2 ? -8.754  6.431   -7.224  1.00 25.25 ? 2 VAL H N   1 
ATOM 367 C CA  . VAL H 1 2 ? -10.084 6.061   -6.714  1.00 26.11 ? 2 VAL H CA  1 
ATOM 368 C C   . VAL H 1 2 ? -9.988  4.707   -6.016  1.00 25.44 ? 2 VAL H C   1 
ATOM 369 O O   . VAL H 1 2 ? -9.404  3.759   -6.546  1.00 25.93 ? 2 VAL H O   1 
ATOM 370 C CB  . VAL H 1 2 ? -11.222 5.967   -7.792  1.00 26.81 ? 2 VAL H CB  1 
ATOM 371 C CG1 . VAL H 1 2 ? -12.586 6.206   -7.135  1.00 24.77 ? 2 VAL H CG1 1 
ATOM 372 C CG2 . VAL H 1 2 ? -11.006 6.912   -8.991  1.00 27.81 ? 2 VAL H CG2 1 
ATOM 373 N N   . GLY H 1 3 ? -10.564 4.632   -4.824  1.00 25.31 ? 3 GLY H N   1 
ATOM 374 C CA  . GLY H 1 3 ? -10.672 3.363   -4.098  1.00 25.94 ? 3 GLY H CA  1 
ATOM 375 C C   . GLY H 1 3 ? -11.967 3.169   -3.322  1.00 22.67 ? 3 GLY H C   1 
ATOM 376 O O   . GLY H 1 3 ? -12.805 4.065   -3.207  1.00 22.71 ? 3 GLY H O   1 
ATOM 377 N N   . GLY H 1 4 ? -12.145 1.983   -2.783  1.00 19.63 ? 4 GLY H N   1 
ATOM 378 C CA  . GLY H 1 4 ? -13.236 1.795   -1.886  1.00 21.62 ? 4 GLY H CA  1 
ATOM 379 C C   . GLY H 1 4 ? -13.130 0.436   -1.283  1.00 19.74 ? 4 GLY H C   1 
ATOM 380 O O   . GLY H 1 4 ? -12.628 -0.499  -1.920  1.00 18.83 ? 4 GLY H O   1 
ATOM 381 N N   . VAL H 1 5 ? -13.579 0.340   -0.038  1.00 19.94 ? 5 VAL H N   1 
ATOM 382 C CA  . VAL H 1 5 ? -13.667 -0.950  0.608   1.00 17.63 ? 5 VAL H CA  1 
ATOM 383 C C   . VAL H 1 5 ? -15.054 -1.202  1.149   1.00 15.97 ? 5 VAL H C   1 
ATOM 384 O O   . VAL H 1 5 ? -15.814 -0.284  1.391   1.00 16.59 ? 5 VAL H O   1 
ATOM 385 C CB  . VAL H 1 5 ? -12.604 -1.099  1.667   1.00 17.25 ? 5 VAL H CB  1 
ATOM 386 C CG1 . VAL H 1 5 ? -11.302 -0.618  1.124   1.00 17.73 ? 5 VAL H CG1 1 
ATOM 387 C CG2 . VAL H 1 5 ? -12.961 -0.359  2.959   1.00 22.16 ? 5 VAL H CG2 1 
ATOM 388 N N   . VAL H 1 6 ? -15.386 -2.461  1.310   1.00 14.67 ? 6 VAL H N   1 
ATOM 389 C CA  . VAL H 1 6 ? -16.595 -2.880  2.013   1.00 15.63 ? 6 VAL H CA  1 
ATOM 390 C C   . VAL H 1 6 ? -16.289 -4.139  2.884   1.00 15.87 ? 6 VAL H C   1 
ATOM 391 O O   . VAL H 1 6 ? -15.588 -5.074  2.446   1.00 14.34 ? 6 VAL H O   1 
ATOM 392 C CB  . VAL H 1 6 ? -17.831 -3.125  1.030   1.00 15.16 ? 6 VAL H CB  1 
ATOM 393 C CG1 . VAL H 1 6 ? -17.603 -4.315  0.109   1.00 16.75 ? 6 VAL H CG1 1 
ATOM 394 C CG2 . VAL H 1 6 ? -19.130 -3.384  1.762   1.00 14.42 ? 6 VAL H CG2 1 
ATOM 395 N N   . ILE H 1 7 ? -16.787 -4.100  4.123   1.00 16.35 ? 7 ILE H N   1 
ATOM 396 C CA  . ILE H 1 7 ? -16.883 -5.261  5.031   1.00 18.12 ? 7 ILE H CA  1 
ATOM 397 C C   . ILE H 1 7 ? -18.339 -5.352  5.461   1.00 18.71 ? 7 ILE H C   1 
ATOM 398 O O   . ILE H 1 7 ? -18.948 -4.366  5.907   1.00 21.68 ? 7 ILE H O   1 
ATOM 399 C CB  . ILE H 1 7 ? -16.019 -5.065  6.251   1.00 18.44 ? 7 ILE H CB  1 
ATOM 400 C CG1 . ILE H 1 7 ? -14.539 -5.050  5.854   1.00 21.56 ? 7 ILE H CG1 1 
ATOM 401 C CG2 . ILE H 1 7 ? -16.336 -6.088  7.265   1.00 18.07 ? 7 ILE H CG2 1 
ATOM 402 C CD1 . ILE H 1 7 ? -13.670 -4.313  6.856   1.00 21.98 ? 7 ILE H CD1 1 
ATOM 403 N N   . ALA H 1 8 ? -18.909 -6.531  5.337   1.00 21.97 ? 8 ALA H N   1 
ATOM 404 C CA  . ALA H 1 8 ? -20.353 -6.641  5.367   1.00 22.47 ? 8 ALA H CA  1 
ATOM 405 C C   . ALA H 1 8 ? -20.756 -7.904  6.031   1.00 23.13 ? 8 ALA H C   1 
ATOM 406 O O   . ALA H 1 8 ? -21.773 -7.970  6.742   1.00 23.76 ? 8 ALA H O   1 
ATOM 407 C CB  . ALA H 1 8 ? -20.898 -6.625  3.941   1.00 21.80 ? 8 ALA H CB  1 
ATOM 408 O OXT . ALA H 1 8 ? -20.037 -8.875  5.786   1.00 24.76 ? 8 ALA H OXT 1 
# 
